data_3T0C
#
_entry.id   3T0C
#
_cell.length_a   52.845
_cell.length_b   99.477
_cell.length_c   77.883
_cell.angle_alpha   90.00
_cell.angle_beta   94.55
_cell.angle_gamma   90.00
#
_symmetry.space_group_name_H-M   'P 1 21 1'
#
loop_
_entity.id
_entity.type
_entity.pdbx_description
1 polymer '5-methyltetrahydropteroyltriglutamate--homocysteine methyltransferase'
2 non-polymer 'SULFATE ION'
3 non-polymer 'ZINC ION'
4 water water
#
_entity_poly.entity_id   1
_entity_poly.type   'polypeptide(L)'
_entity_poly.pdbx_seq_one_letter_code
;MGSSHHHHHHSSGLVPRGSHMASMTGGQQMGRGSMTKVSSLGYPRLGENREWKKLIEAYWAGKVSKNDLFAGAKELRLDF
LKKQLNAGLDLIPVGDFSLYDHILDLSVQFNIIPKRFAKEPIDIDLYFAIARGNKENVASSMKKWFNTNYHYIVPEWSKQ
RPKLNNNRLLDLYLEAREVVGDKAKPVITGPITYVALSTGVEDFTAAVKSLLPLYKQVFTELVKAGASYIQVDEPIFVTD
EGKDYLQAAKAVYAYFAKEVPDAKFIFQTYFEGLIDSQVLSQLPVDAFGLDFVYGLEENLEAIKTGAFKGKEIFAGVIDG
RNIWSSDFVKTSALLETIEEQSAALTIQPSCSLLHVPVTTKNETDLDPVLRNGLAFADEKLTEVKRLAEHLDGREDPAYD
LHIAHFDALQAADFRNVKLEDLSRVATKRPSDFAKRRDIQQEKLHLPLLPTTTIGSFPQSREIRRTRLAWKRGDISDAEY
KQFIQAEIERWIRIQEDLDLDVLVHGEFERVDMVEFFGQKLAGFTTTKFGWVQSYGSRAVKPPIIYGDVQHLEPITVEET
VYAQSLTDRPVKGMLTGPITITNWSFERTDIPRDQLFNQIGLAIKDEIKLLENAGIAIIQVDEAALREGLPLRKSKQKAY
LDDAVHAFHIATSSVKDETQIHTHMCYSKFDEIIDAIRALDADVISIETSRSHGDIIESFETAVYPLGIGLGVYDIHSPR
VPTKEEVVANIERPLRQLSPTQFWVNPDCGLKTRQEPETIAALKVLVAATKEVRQKLGN
;
_entity_poly.pdbx_strand_id   A
#
loop_
_chem_comp.id
_chem_comp.type
_chem_comp.name
_chem_comp.formula
SO4 non-polymer 'SULFATE ION' 'O4 S -2'
ZN non-polymer 'ZINC ION' 'Zn 2'
#
# COMPACT_ATOMS: atom_id res chain seq x y z
N SER A 34 -13.91 12.15 -34.14
CA SER A 34 -13.31 11.58 -35.34
C SER A 34 -12.62 10.25 -35.04
N MET A 35 -11.34 10.33 -34.70
CA MET A 35 -10.57 9.16 -34.31
C MET A 35 -9.84 9.41 -32.99
N THR A 36 -10.43 8.94 -31.89
CA THR A 36 -9.87 9.17 -30.56
C THR A 36 -8.91 8.06 -30.16
N LYS A 37 -7.66 8.43 -29.87
CA LYS A 37 -6.66 7.45 -29.49
C LYS A 37 -6.90 6.91 -28.08
N VAL A 38 -6.49 5.67 -27.85
CA VAL A 38 -6.55 5.10 -26.51
C VAL A 38 -5.17 4.56 -26.16
N SER A 39 -4.82 4.61 -24.88
CA SER A 39 -3.48 4.22 -24.47
C SER A 39 -3.48 3.60 -23.08
N SER A 40 -2.29 3.45 -22.54
CA SER A 40 -2.10 2.96 -21.18
C SER A 40 -0.71 3.36 -20.73
N LEU A 41 -0.52 3.50 -19.42
CA LEU A 41 0.75 3.99 -18.88
C LEU A 41 1.74 2.85 -18.64
N GLY A 42 1.21 1.69 -18.27
CA GLY A 42 2.04 0.56 -17.91
C GLY A 42 1.19 -0.69 -17.71
N TYR A 43 1.86 -1.81 -17.46
CA TYR A 43 1.21 -3.10 -17.37
C TYR A 43 1.93 -3.95 -16.33
N PRO A 44 1.22 -4.89 -15.69
CA PRO A 44 1.87 -5.73 -14.69
C PRO A 44 3.00 -6.58 -15.29
N ARG A 45 3.98 -6.96 -14.46
CA ARG A 45 5.07 -7.81 -14.90
C ARG A 45 4.79 -9.29 -14.62
N LEU A 46 3.89 -9.54 -13.67
CA LEU A 46 3.68 -10.86 -13.09
C LEU A 46 3.39 -12.00 -14.08
N GLY A 47 2.56 -11.72 -15.08
CA GLY A 47 2.03 -12.77 -15.92
C GLY A 47 0.80 -13.37 -15.22
N GLU A 48 -0.08 -13.98 -16.01
CA GLU A 48 -1.36 -14.46 -15.48
C GLU A 48 -1.22 -15.37 -14.26
N ASN A 49 -0.13 -16.11 -14.19
CA ASN A 49 0.08 -17.05 -13.08
C ASN A 49 1.39 -16.81 -12.33
N ARG A 50 1.82 -15.55 -12.28
CA ARG A 50 3.04 -15.16 -11.57
C ARG A 50 4.29 -15.88 -12.07
N GLU A 51 4.32 -16.22 -13.36
CA GLU A 51 5.51 -16.86 -13.93
C GLU A 51 6.73 -15.95 -13.82
N TRP A 52 6.49 -14.65 -13.85
CA TRP A 52 7.56 -13.66 -13.70
C TRP A 52 8.22 -13.83 -12.34
N LYS A 53 7.40 -13.95 -11.30
CA LYS A 53 7.87 -14.20 -9.94
C LYS A 53 8.71 -15.48 -9.86
N LYS A 54 8.19 -16.56 -10.45
CA LYS A 54 8.88 -17.85 -10.42
C LYS A 54 10.22 -17.78 -11.16
N LEU A 55 10.22 -17.12 -12.30
CA LEU A 55 11.42 -17.03 -13.14
C LEU A 55 12.61 -16.42 -12.39
N ILE A 56 12.40 -15.25 -11.82
CA ILE A 56 13.50 -14.51 -11.21
C ILE A 56 13.89 -15.04 -9.84
N GLU A 57 12.91 -15.57 -9.10
CA GLU A 57 13.21 -16.22 -7.84
C GLU A 57 13.98 -17.51 -8.07
N ALA A 58 13.72 -18.15 -9.21
CA ALA A 58 14.46 -19.35 -9.58
C ALA A 58 15.87 -18.99 -10.00
N TYR A 59 16.03 -17.82 -10.63
CA TYR A 59 17.34 -17.35 -11.02
C TYR A 59 18.23 -17.05 -9.82
N TRP A 60 17.69 -16.35 -8.83
CA TRP A 60 18.44 -16.01 -7.63
C TRP A 60 18.86 -17.27 -6.90
N ALA A 61 18.05 -18.32 -7.00
CA ALA A 61 18.31 -19.58 -6.33
C ALA A 61 19.33 -20.41 -7.12
N GLY A 62 19.82 -19.86 -8.23
CA GLY A 62 20.77 -20.55 -9.06
C GLY A 62 20.13 -21.72 -9.79
N LYS A 63 18.85 -21.58 -10.09
CA LYS A 63 18.08 -22.64 -10.74
C LYS A 63 17.69 -22.26 -12.17
N VAL A 64 18.11 -21.08 -12.60
CA VAL A 64 17.78 -20.59 -13.94
C VAL A 64 18.96 -19.85 -14.55
N SER A 65 19.39 -20.30 -15.74
CA SER A 65 20.53 -19.68 -16.41
C SER A 65 20.17 -18.28 -16.91
N LYS A 66 21.19 -17.46 -17.16
CA LYS A 66 20.97 -16.14 -17.70
C LYS A 66 20.14 -16.22 -18.99
N ASN A 67 20.49 -17.17 -19.86
CA ASN A 67 19.78 -17.39 -21.10
C ASN A 67 18.27 -17.59 -20.90
N ASP A 68 17.91 -18.48 -19.98
CA ASP A 68 16.51 -18.75 -19.72
C ASP A 68 15.82 -17.59 -19.01
N LEU A 69 16.58 -16.84 -18.23
CA LEU A 69 16.07 -15.65 -17.58
C LEU A 69 15.60 -14.65 -18.64
N PHE A 70 16.51 -14.24 -19.51
CA PHE A 70 16.18 -13.25 -20.54
C PHE A 70 15.13 -13.77 -21.53
N ALA A 71 15.22 -15.04 -21.90
CA ALA A 71 14.25 -15.62 -22.82
C ALA A 71 12.88 -15.67 -22.15
N GLY A 72 12.87 -16.05 -20.88
CA GLY A 72 11.65 -16.10 -20.11
C GLY A 72 11.00 -14.72 -20.03
N ALA A 73 11.80 -13.71 -19.76
CA ALA A 73 11.32 -12.33 -19.68
C ALA A 73 10.84 -11.82 -21.04
N LYS A 74 11.51 -12.25 -22.11
CA LYS A 74 11.12 -11.85 -23.45
C LYS A 74 9.75 -12.44 -23.82
N GLU A 75 9.52 -13.69 -23.43
CA GLU A 75 8.24 -14.36 -23.65
C GLU A 75 7.11 -13.56 -23.03
N LEU A 76 7.29 -13.19 -21.77
CA LEU A 76 6.29 -12.41 -21.04
C LEU A 76 6.02 -11.08 -21.75
N ARG A 77 7.09 -10.36 -22.10
CA ARG A 77 6.97 -9.05 -22.74
C ARG A 77 6.16 -9.10 -24.04
N LEU A 78 6.50 -10.04 -24.92
CA LEU A 78 5.82 -10.12 -26.21
C LEU A 78 4.36 -10.53 -25.99
N ASP A 79 4.13 -11.28 -24.92
CA ASP A 79 2.79 -11.67 -24.52
C ASP A 79 1.99 -10.42 -24.14
N PHE A 80 2.52 -9.61 -23.24
CA PHE A 80 1.85 -8.40 -22.80
C PHE A 80 1.62 -7.44 -23.95
N LEU A 81 2.62 -7.30 -24.82
CA LEU A 81 2.49 -6.43 -25.98
C LEU A 81 1.35 -6.88 -26.89
N LYS A 82 1.15 -8.19 -26.99
CA LYS A 82 0.10 -8.73 -27.86
C LYS A 82 -1.29 -8.49 -27.28
N LYS A 83 -1.44 -8.73 -25.98
CA LYS A 83 -2.69 -8.44 -25.30
C LYS A 83 -3.11 -6.99 -25.56
N GLN A 84 -2.18 -6.07 -25.35
CA GLN A 84 -2.48 -4.65 -25.49
C GLN A 84 -2.79 -4.29 -26.94
N LEU A 85 -2.10 -4.95 -27.87
CA LEU A 85 -2.33 -4.75 -29.29
C LEU A 85 -3.75 -5.19 -29.66
N ASN A 86 -4.10 -6.40 -29.24
CA ASN A 86 -5.40 -6.98 -29.57
C ASN A 86 -6.55 -6.20 -28.93
N ALA A 87 -6.27 -5.57 -27.78
CA ALA A 87 -7.26 -4.74 -27.09
C ALA A 87 -7.60 -3.48 -27.87
N GLY A 88 -6.74 -3.10 -28.81
CA GLY A 88 -7.01 -1.96 -29.67
C GLY A 88 -6.26 -0.68 -29.34
N LEU A 89 -5.24 -0.77 -28.49
CA LEU A 89 -4.49 0.41 -28.09
C LEU A 89 -3.74 1.04 -29.27
N ASP A 90 -3.79 2.37 -29.35
CA ASP A 90 -3.11 3.12 -30.41
C ASP A 90 -1.71 3.49 -29.99
N LEU A 91 -1.52 3.63 -28.68
CA LEU A 91 -0.21 3.91 -28.11
C LEU A 91 0.05 2.95 -26.96
N ILE A 92 0.96 2.01 -27.19
CA ILE A 92 1.20 0.94 -26.25
C ILE A 92 2.48 1.20 -25.46
N PRO A 93 2.36 1.19 -24.12
CA PRO A 93 3.47 1.53 -23.23
C PRO A 93 4.61 0.52 -23.33
N VAL A 94 5.82 1.02 -23.59
CA VAL A 94 6.98 0.15 -23.66
C VAL A 94 8.14 0.74 -22.86
N GLY A 95 8.66 -0.03 -21.91
CA GLY A 95 9.76 0.40 -21.09
C GLY A 95 9.52 0.11 -19.62
N ASP A 96 8.26 0.00 -19.25
CA ASP A 96 7.89 -0.18 -17.84
C ASP A 96 8.12 -1.61 -17.35
N PHE A 97 8.19 -2.58 -18.25
CA PHE A 97 8.52 -3.93 -17.84
C PHE A 97 9.90 -3.94 -17.18
N SER A 98 10.01 -4.62 -16.05
CA SER A 98 11.29 -4.68 -15.36
C SER A 98 11.50 -6.01 -14.67
N LEU A 99 12.75 -6.34 -14.38
CA LEU A 99 13.08 -7.57 -13.68
C LEU A 99 13.06 -7.38 -12.17
N TYR A 100 12.73 -6.15 -11.73
CA TYR A 100 12.60 -5.87 -10.30
C TYR A 100 11.87 -4.55 -10.03
N ASP A 101 12.47 -3.44 -10.45
CA ASP A 101 11.89 -2.12 -10.22
C ASP A 101 12.28 -1.12 -11.30
N HIS A 102 11.34 -0.24 -11.66
CA HIS A 102 11.57 0.72 -12.74
C HIS A 102 12.46 1.90 -12.33
N ILE A 103 12.64 2.11 -11.03
CA ILE A 103 13.57 3.14 -10.57
C ILE A 103 14.97 2.55 -10.58
N LEU A 104 15.10 1.32 -10.10
CA LEU A 104 16.36 0.59 -10.15
C LEU A 104 16.88 0.53 -11.59
N ASP A 105 15.98 0.30 -12.54
CA ASP A 105 16.33 0.29 -13.95
C ASP A 105 17.10 1.55 -14.34
N LEU A 106 16.61 2.71 -13.89
CA LEU A 106 17.23 3.98 -14.24
C LEU A 106 18.56 4.18 -13.54
N SER A 107 18.60 3.84 -12.25
CA SER A 107 19.84 3.92 -11.49
C SER A 107 20.98 3.24 -12.23
N VAL A 108 20.79 1.98 -12.58
CA VAL A 108 21.79 1.20 -13.30
C VAL A 108 22.06 1.77 -14.69
N GLN A 109 20.99 2.13 -15.40
CA GLN A 109 21.09 2.71 -16.73
C GLN A 109 21.80 4.07 -16.73
N PHE A 110 21.59 4.84 -15.67
CA PHE A 110 22.16 6.19 -15.59
C PHE A 110 23.47 6.25 -14.79
N ASN A 111 23.90 5.10 -14.28
CA ASN A 111 25.15 4.99 -13.52
C ASN A 111 25.08 5.57 -12.12
N ILE A 112 23.88 5.58 -11.55
CA ILE A 112 23.70 5.97 -10.16
C ILE A 112 23.77 4.71 -9.29
N ILE A 113 24.98 4.18 -9.16
CA ILE A 113 25.22 2.93 -8.46
C ILE A 113 25.85 3.19 -7.12
N PRO A 114 25.30 2.59 -6.05
CA PRO A 114 25.81 2.83 -4.70
C PRO A 114 27.32 2.64 -4.64
N LYS A 115 28.01 3.51 -3.93
CA LYS A 115 29.48 3.46 -3.82
C LYS A 115 29.98 2.02 -3.60
N ARG A 116 29.40 1.34 -2.62
CA ARG A 116 29.83 0.00 -2.24
C ARG A 116 29.78 -1.03 -3.38
N PHE A 117 29.13 -0.67 -4.48
CA PHE A 117 29.00 -1.58 -5.63
C PHE A 117 29.82 -1.10 -6.82
N ALA A 118 30.69 -0.12 -6.60
CA ALA A 118 31.39 0.56 -7.68
C ALA A 118 32.34 -0.31 -8.49
N LYS A 119 32.91 -1.33 -7.85
CA LYS A 119 33.92 -2.16 -8.52
C LYS A 119 33.33 -3.34 -9.28
N GLU A 120 32.02 -3.52 -9.17
CA GLU A 120 31.34 -4.65 -9.80
C GLU A 120 31.06 -4.38 -11.28
N PRO A 121 31.17 -5.42 -12.11
CA PRO A 121 30.80 -5.28 -13.53
C PRO A 121 29.32 -4.91 -13.62
N ILE A 122 28.99 -3.96 -14.48
CA ILE A 122 27.61 -3.51 -14.62
C ILE A 122 26.80 -4.47 -15.48
N ASP A 123 26.22 -5.49 -14.85
CA ASP A 123 25.35 -6.43 -15.53
C ASP A 123 24.16 -6.82 -14.67
N ILE A 124 23.43 -7.85 -15.11
CA ILE A 124 22.23 -8.29 -14.43
C ILE A 124 22.50 -8.70 -12.98
N ASP A 125 23.70 -9.21 -12.72
CA ASP A 125 24.07 -9.63 -11.37
C ASP A 125 24.31 -8.44 -10.44
N LEU A 126 24.88 -7.36 -10.97
CA LEU A 126 25.00 -6.13 -10.20
C LEU A 126 23.60 -5.58 -9.94
N TYR A 127 22.75 -5.69 -10.95
CA TYR A 127 21.37 -5.22 -10.85
C TYR A 127 20.66 -5.84 -9.65
N PHE A 128 20.70 -7.16 -9.56
CA PHE A 128 20.03 -7.85 -8.46
C PHE A 128 20.77 -7.69 -7.12
N ALA A 129 22.05 -7.40 -7.19
CA ALA A 129 22.82 -7.14 -5.98
C ALA A 129 22.38 -5.84 -5.31
N ILE A 130 22.11 -4.82 -6.12
CA ILE A 130 21.61 -3.57 -5.59
C ILE A 130 20.22 -3.77 -4.98
N ALA A 131 19.40 -4.57 -5.64
CA ALA A 131 18.04 -4.82 -5.19
C ALA A 131 17.97 -5.70 -3.96
N ARG A 132 18.92 -6.62 -3.82
CA ARG A 132 18.80 -7.68 -2.83
C ARG A 132 20.03 -7.85 -1.93
N GLY A 133 21.11 -7.16 -2.28
CA GLY A 133 22.37 -7.32 -1.56
C GLY A 133 23.06 -8.61 -1.98
N ASN A 134 24.35 -8.74 -1.65
CA ASN A 134 25.10 -9.94 -1.99
C ASN A 134 26.02 -10.39 -0.86
N GLU A 136 28.76 -9.52 1.17
CA GLU A 136 29.65 -8.37 1.25
C GLU A 136 28.91 -7.05 1.46
N ASN A 137 28.01 -6.73 0.53
CA ASN A 137 27.28 -5.47 0.56
C ASN A 137 25.79 -5.63 0.81
N VAL A 138 25.19 -4.67 1.51
CA VAL A 138 23.77 -4.70 1.76
C VAL A 138 23.00 -4.13 0.56
N ALA A 139 21.72 -4.46 0.48
CA ALA A 139 20.87 -3.98 -0.60
C ALA A 139 20.49 -2.52 -0.42
N SER A 140 20.22 -1.83 -1.52
CA SER A 140 19.65 -0.50 -1.45
C SER A 140 18.33 -0.59 -0.71
N SER A 141 17.90 0.53 -0.13
CA SER A 141 16.64 0.56 0.59
C SER A 141 15.46 0.79 -0.34
N MET A 142 14.29 0.33 0.07
CA MET A 142 13.09 0.56 -0.72
C MET A 142 12.14 1.51 0.01
N LYS A 143 11.34 2.24 -0.76
CA LYS A 143 10.34 3.13 -0.20
C LYS A 143 9.01 2.93 -0.93
N LYS A 144 7.93 3.36 -0.30
CA LYS A 144 6.61 3.30 -0.93
C LYS A 144 6.59 4.17 -2.18
N TRP A 145 5.95 3.66 -3.23
CA TRP A 145 5.75 4.41 -4.45
C TRP A 145 4.55 5.33 -4.25
N PHE A 146 4.81 6.53 -3.76
CA PHE A 146 3.77 7.49 -3.44
C PHE A 146 2.76 6.88 -2.46
N ASN A 147 1.49 6.80 -2.83
CA ASN A 147 0.51 6.25 -1.90
C ASN A 147 -0.05 4.89 -2.30
N THR A 148 0.69 4.18 -3.15
CA THR A 148 0.30 2.85 -3.59
C THR A 148 0.90 1.80 -2.66
N ASN A 149 0.61 0.52 -2.93
CA ASN A 149 1.24 -0.56 -2.18
C ASN A 149 2.46 -1.12 -2.90
N TYR A 150 3.00 -0.36 -3.85
CA TYR A 150 4.22 -0.77 -4.56
C TYR A 150 5.44 -0.05 -3.98
N HIS A 151 6.57 -0.73 -3.96
CA HIS A 151 7.81 -0.17 -3.42
C HIS A 151 8.87 -0.05 -4.50
N TYR A 152 9.50 1.12 -4.57
CA TYR A 152 10.60 1.31 -5.51
C TYR A 152 11.95 1.21 -4.78
N ILE A 153 13.02 1.04 -5.55
CA ILE A 153 14.37 0.96 -4.98
C ILE A 153 15.03 2.34 -5.00
N VAL A 154 15.30 2.86 -3.81
CA VAL A 154 15.84 4.21 -3.66
C VAL A 154 17.27 4.34 -4.18
N PRO A 155 17.48 5.21 -5.18
CA PRO A 155 18.82 5.50 -5.71
C PRO A 155 19.71 6.13 -4.65
N GLU A 156 21.01 5.87 -4.70
CA GLU A 156 21.97 6.44 -3.76
C GLU A 156 23.01 7.27 -4.51
N TRP A 157 22.86 8.59 -4.46
CA TRP A 157 23.76 9.50 -5.19
C TRP A 157 25.09 9.70 -4.46
N SER A 158 26.12 10.02 -5.23
CA SER A 158 27.45 10.29 -4.69
C SER A 158 28.33 10.99 -5.73
N LYS A 159 29.64 10.83 -5.60
CA LYS A 159 30.60 11.51 -6.47
C LYS A 159 30.52 11.05 -7.93
N GLN A 160 30.29 9.76 -8.14
CA GLN A 160 30.24 9.19 -9.49
C GLN A 160 29.34 9.98 -10.43
N ARG A 161 29.86 10.32 -11.61
CA ARG A 161 29.11 11.07 -12.60
C ARG A 161 28.16 10.19 -13.39
N PRO A 162 26.95 10.69 -13.66
CA PRO A 162 25.95 9.92 -14.42
C PRO A 162 26.40 9.70 -15.86
N LYS A 163 26.11 8.52 -16.39
CA LYS A 163 26.41 8.20 -17.78
C LYS A 163 25.59 6.98 -18.18
N LEU A 164 25.31 6.86 -19.47
CA LEU A 164 24.51 5.75 -19.98
C LEU A 164 25.28 4.45 -19.95
N ASN A 165 24.85 3.53 -19.09
CA ASN A 165 25.52 2.24 -18.93
C ASN A 165 24.98 1.16 -19.86
N ASN A 166 23.87 1.45 -20.52
CA ASN A 166 23.26 0.49 -21.44
C ASN A 166 22.24 1.15 -22.36
N ASN A 167 21.59 0.35 -23.20
CA ASN A 167 20.53 0.85 -24.06
C ASN A 167 19.19 0.22 -23.70
N ARG A 168 18.95 0.06 -22.40
CA ARG A 168 17.78 -0.65 -21.90
C ARG A 168 16.48 -0.29 -22.63
N LEU A 169 16.16 1.01 -22.68
CA LEU A 169 14.88 1.45 -23.22
C LEU A 169 14.83 1.35 -24.75
N LEU A 170 15.93 1.67 -25.42
CA LEU A 170 15.99 1.56 -26.88
C LEU A 170 15.76 0.12 -27.33
N ASP A 171 16.43 -0.83 -26.67
CA ASP A 171 16.25 -2.25 -26.97
C ASP A 171 14.78 -2.64 -26.83
N LEU A 172 14.19 -2.28 -25.69
CA LEU A 172 12.80 -2.56 -25.45
C LEU A 172 11.92 -1.95 -26.54
N TYR A 173 12.28 -0.74 -26.98
CA TYR A 173 11.49 -0.08 -28.01
C TYR A 173 11.52 -0.84 -29.33
N LEU A 174 12.72 -1.14 -29.82
CA LEU A 174 12.88 -1.84 -31.11
C LEU A 174 12.23 -3.21 -31.07
N GLU A 175 12.37 -3.90 -29.95
CA GLU A 175 11.69 -5.18 -29.74
C GLU A 175 10.19 -5.01 -29.92
N ALA A 176 9.63 -3.99 -29.25
CA ALA A 176 8.20 -3.74 -29.33
C ALA A 176 7.74 -3.42 -30.74
N ARG A 177 8.54 -2.64 -31.47
CA ARG A 177 8.20 -2.27 -32.85
C ARG A 177 7.92 -3.49 -33.72
N GLU A 178 8.69 -4.55 -33.53
CA GLU A 178 8.52 -5.75 -34.33
C GLU A 178 7.14 -6.36 -34.13
N VAL A 179 6.57 -6.11 -32.95
CA VAL A 179 5.27 -6.66 -32.60
C VAL A 179 4.11 -5.70 -32.89
N VAL A 180 4.30 -4.42 -32.57
CA VAL A 180 3.20 -3.45 -32.61
C VAL A 180 3.41 -2.26 -33.54
N GLY A 181 4.63 -2.10 -34.05
CA GLY A 181 4.92 -1.02 -34.99
C GLY A 181 4.96 0.37 -34.37
N ASP A 182 4.37 1.34 -35.09
CA ASP A 182 4.37 2.73 -34.66
C ASP A 182 3.47 2.99 -33.46
N LYS A 183 2.78 1.95 -33.01
CA LYS A 183 1.93 2.05 -31.83
C LYS A 183 2.75 2.01 -30.55
N ALA A 184 4.00 1.56 -30.65
CA ALA A 184 4.87 1.49 -29.49
C ALA A 184 5.16 2.88 -28.92
N LYS A 185 4.87 3.06 -27.63
CA LYS A 185 5.09 4.32 -26.94
C LYS A 185 6.06 4.14 -25.78
N PRO A 186 7.31 4.59 -25.96
CA PRO A 186 8.30 4.47 -24.88
C PRO A 186 7.83 5.20 -23.62
N VAL A 187 8.11 4.61 -22.46
CA VAL A 187 7.73 5.21 -21.19
C VAL A 187 8.95 5.26 -20.29
N ILE A 188 9.02 6.27 -19.43
CA ILE A 188 10.15 6.43 -18.53
C ILE A 188 9.84 7.44 -17.41
N THR A 189 10.45 7.25 -16.24
CA THR A 189 10.34 8.20 -15.16
C THR A 189 11.23 9.42 -15.44
N GLY A 190 10.64 10.60 -15.39
CA GLY A 190 11.38 11.84 -15.63
C GLY A 190 12.43 12.13 -14.59
N PRO A 191 13.39 13.02 -14.93
CA PRO A 191 14.54 13.35 -14.10
C PRO A 191 14.15 13.98 -12.76
N ILE A 192 13.19 14.90 -12.79
CA ILE A 192 12.81 15.65 -11.60
C ILE A 192 12.25 14.73 -10.51
N THR A 193 11.30 13.88 -10.87
CA THR A 193 10.75 12.89 -9.96
C THR A 193 11.84 11.92 -9.49
N TYR A 194 12.66 11.46 -10.43
CA TYR A 194 13.74 10.54 -10.10
C TYR A 194 14.67 11.11 -9.03
N VAL A 195 15.08 12.36 -9.20
CA VAL A 195 15.96 12.99 -8.22
C VAL A 195 15.27 13.17 -6.86
N ALA A 196 14.01 13.59 -6.89
CA ALA A 196 13.25 13.79 -5.65
C ALA A 196 13.04 12.48 -4.88
N LEU A 197 12.99 11.37 -5.61
CA LEU A 197 12.80 10.05 -5.01
C LEU A 197 14.11 9.44 -4.52
N SER A 198 15.21 10.15 -4.76
CA SER A 198 16.54 9.64 -4.44
C SER A 198 17.01 10.03 -3.04
N THR A 199 18.13 9.44 -2.62
CA THR A 199 18.80 9.80 -1.38
C THR A 199 20.23 10.21 -1.70
N GLY A 200 20.84 11.01 -0.83
CA GLY A 200 22.23 11.40 -0.99
C GLY A 200 22.45 12.60 -1.89
N VAL A 201 21.37 13.12 -2.48
CA VAL A 201 21.47 14.28 -3.37
C VAL A 201 21.79 15.55 -2.57
N GLU A 202 22.95 16.13 -2.83
CA GLU A 202 23.38 17.33 -2.11
C GLU A 202 22.75 18.59 -2.69
N ASP A 203 22.71 18.68 -4.02
CA ASP A 203 22.13 19.85 -4.66
C ASP A 203 21.14 19.41 -5.74
N PHE A 204 19.87 19.69 -5.48
CA PHE A 204 18.79 19.17 -6.31
C PHE A 204 18.96 19.51 -7.80
N THR A 205 19.08 20.79 -8.11
CA THR A 205 19.11 21.23 -9.52
C THR A 205 20.34 20.72 -10.26
N ALA A 206 21.47 20.64 -9.57
CA ALA A 206 22.70 20.13 -10.17
C ALA A 206 22.58 18.65 -10.54
N ALA A 207 21.92 17.88 -9.67
CA ALA A 207 21.68 16.47 -9.92
C ALA A 207 20.76 16.31 -11.13
N VAL A 208 19.67 17.05 -11.15
CA VAL A 208 18.75 17.03 -12.27
C VAL A 208 19.48 17.38 -13.57
N LYS A 209 20.23 18.48 -13.54
CA LYS A 209 20.92 18.96 -14.73
C LYS A 209 21.90 17.93 -15.29
N SER A 210 22.57 17.20 -14.41
CA SER A 210 23.54 16.19 -14.82
C SER A 210 22.88 15.06 -15.60
N LEU A 211 21.59 14.85 -15.37
CA LEU A 211 20.86 13.77 -16.03
C LEU A 211 20.32 14.17 -17.40
N LEU A 212 20.15 15.47 -17.62
CA LEU A 212 19.56 15.96 -18.86
C LEU A 212 20.19 15.40 -20.14
N PRO A 213 21.53 15.40 -20.22
CA PRO A 213 22.18 14.90 -21.43
C PRO A 213 21.86 13.42 -21.67
N LEU A 214 21.72 12.66 -20.60
CA LEU A 214 21.42 11.24 -20.70
C LEU A 214 20.06 11.02 -21.32
N TYR A 215 19.04 11.65 -20.73
CA TYR A 215 17.67 11.61 -21.24
C TYR A 215 17.61 12.06 -22.69
N LYS A 216 18.39 13.10 -23.02
CA LYS A 216 18.46 13.62 -24.37
C LYS A 216 18.88 12.53 -25.37
N GLN A 217 19.99 11.87 -25.09
CA GLN A 217 20.46 10.79 -25.95
C GLN A 217 19.44 9.66 -26.01
N VAL A 218 18.90 9.30 -24.86
CA VAL A 218 17.85 8.28 -24.79
C VAL A 218 16.69 8.66 -25.70
N PHE A 219 16.19 9.89 -25.53
CA PHE A 219 15.07 10.36 -26.33
C PHE A 219 15.43 10.45 -27.81
N THR A 220 16.65 10.89 -28.09
CA THR A 220 17.09 11.10 -29.46
C THR A 220 17.18 9.79 -30.24
N GLU A 221 17.74 8.78 -29.59
CA GLU A 221 17.83 7.45 -30.18
C GLU A 221 16.43 6.88 -30.45
N LEU A 222 15.54 6.99 -29.48
CA LEU A 222 14.18 6.49 -29.62
C LEU A 222 13.47 7.12 -30.82
N VAL A 223 13.60 8.44 -30.96
CA VAL A 223 13.01 9.15 -32.09
C VAL A 223 13.62 8.68 -33.41
N LYS A 224 14.93 8.50 -33.42
CA LYS A 224 15.63 8.02 -34.60
C LYS A 224 15.14 6.62 -35.00
N ALA A 225 14.80 5.81 -34.00
CA ALA A 225 14.29 4.46 -34.25
C ALA A 225 12.81 4.44 -34.64
N GLY A 226 12.19 5.63 -34.65
CA GLY A 226 10.83 5.75 -35.13
C GLY A 226 9.79 6.26 -34.14
N ALA A 227 10.19 6.49 -32.89
CA ALA A 227 9.25 6.93 -31.86
C ALA A 227 8.73 8.35 -32.09
N SER A 228 7.47 8.57 -31.74
CA SER A 228 6.91 9.92 -31.78
C SER A 228 6.46 10.35 -30.38
N TYR A 229 5.37 9.74 -29.90
CA TYR A 229 4.90 9.99 -28.54
C TYR A 229 5.83 9.33 -27.54
N ILE A 230 6.19 10.07 -26.49
CA ILE A 230 7.02 9.54 -25.42
C ILE A 230 6.43 9.93 -24.07
N GLN A 231 6.09 8.92 -23.27
CA GLN A 231 5.51 9.16 -21.95
C GLN A 231 6.61 9.40 -20.92
N VAL A 232 6.57 10.56 -20.27
CA VAL A 232 7.57 10.93 -19.28
C VAL A 232 6.93 11.19 -17.93
N ASP A 233 7.03 10.23 -17.03
CA ASP A 233 6.37 10.29 -15.73
C ASP A 233 6.97 11.34 -14.79
N GLU A 234 6.18 12.36 -14.44
CA GLU A 234 6.57 13.30 -13.41
C GLU A 234 5.50 13.43 -12.32
N PRO A 235 5.21 12.32 -11.63
CA PRO A 235 4.16 12.29 -10.59
C PRO A 235 4.50 13.15 -9.38
N ILE A 236 5.75 13.58 -9.24
CA ILE A 236 6.13 14.46 -8.14
C ILE A 236 5.32 15.75 -8.22
N PHE A 237 4.81 16.06 -9.40
CA PHE A 237 3.99 17.27 -9.58
C PHE A 237 2.51 17.06 -9.28
N VAL A 238 2.19 16.02 -8.51
CA VAL A 238 0.85 15.88 -7.95
C VAL A 238 0.93 16.01 -6.43
N THR A 239 2.15 16.21 -5.92
CA THR A 239 2.39 16.24 -4.49
C THR A 239 2.73 17.64 -3.97
N ASP A 240 2.63 17.80 -2.66
CA ASP A 240 2.98 19.05 -2.00
C ASP A 240 4.44 19.42 -2.27
N GLU A 241 5.34 18.47 -2.05
CA GLU A 241 6.77 18.70 -2.31
C GLU A 241 6.95 19.25 -3.71
N GLY A 242 6.06 18.83 -4.61
CA GLY A 242 6.14 19.23 -6.00
C GLY A 242 6.20 20.74 -6.23
N LYS A 243 5.56 21.51 -5.36
CA LYS A 243 5.48 22.96 -5.58
C LYS A 243 6.85 23.64 -5.52
N ASP A 244 7.84 22.91 -5.04
CA ASP A 244 9.20 23.44 -4.99
C ASP A 244 9.90 23.35 -6.35
N TYR A 245 9.35 22.55 -7.27
CA TYR A 245 10.06 22.25 -8.51
C TYR A 245 9.40 22.77 -9.78
N LEU A 246 8.52 23.77 -9.65
CA LEU A 246 7.82 24.33 -10.80
C LEU A 246 8.78 24.90 -11.82
N GLN A 247 9.81 25.59 -11.35
CA GLN A 247 10.77 26.22 -12.24
C GLN A 247 11.70 25.21 -12.90
N ALA A 248 12.09 24.20 -12.14
CA ALA A 248 12.87 23.10 -12.69
C ALA A 248 12.11 22.46 -13.86
N ALA A 249 10.81 22.25 -13.66
CA ALA A 249 9.96 21.68 -14.70
C ALA A 249 10.01 22.51 -15.99
N LYS A 250 9.92 23.83 -15.85
CA LYS A 250 9.97 24.69 -17.02
C LYS A 250 11.32 24.59 -17.71
N ALA A 251 12.39 24.57 -16.92
CA ALA A 251 13.73 24.47 -17.47
C ALA A 251 13.95 23.12 -18.13
N VAL A 252 13.65 22.05 -17.39
CA VAL A 252 13.87 20.69 -17.87
C VAL A 252 13.15 20.42 -19.18
N TYR A 253 11.90 20.84 -19.28
CA TYR A 253 11.09 20.50 -20.44
C TYR A 253 11.19 21.50 -21.59
N ALA A 254 11.73 22.68 -21.30
CA ALA A 254 12.16 23.59 -22.37
C ALA A 254 13.41 23.00 -23.01
N TYR A 255 14.25 22.37 -22.19
CA TYR A 255 15.45 21.70 -22.67
C TYR A 255 15.11 20.60 -23.67
N PHE A 256 14.20 19.70 -23.29
CA PHE A 256 13.81 18.59 -24.15
C PHE A 256 13.19 19.07 -25.46
N ALA A 257 12.36 20.10 -25.38
CA ALA A 257 11.68 20.63 -26.56
C ALA A 257 12.70 21.19 -27.56
N LYS A 258 13.77 21.78 -27.03
CA LYS A 258 14.80 22.36 -27.86
C LYS A 258 15.73 21.29 -28.44
N GLU A 259 16.14 20.36 -27.58
CA GLU A 259 17.13 19.35 -27.96
C GLU A 259 16.54 18.18 -28.74
N VAL A 260 15.27 17.87 -28.49
CA VAL A 260 14.61 16.77 -29.19
C VAL A 260 13.27 17.21 -29.75
N PRO A 261 13.29 18.18 -30.69
CA PRO A 261 12.11 18.85 -31.23
C PRO A 261 11.08 17.90 -31.85
N ASP A 262 11.53 16.78 -32.42
CA ASP A 262 10.62 15.89 -33.15
C ASP A 262 9.83 14.95 -32.24
N ALA A 263 10.20 14.89 -30.96
CA ALA A 263 9.47 14.07 -30.01
C ALA A 263 8.15 14.73 -29.61
N LYS A 264 7.12 13.91 -29.41
CA LYS A 264 5.87 14.39 -28.84
C LYS A 264 5.80 13.95 -27.38
N PHE A 265 6.32 14.78 -26.49
CA PHE A 265 6.39 14.44 -25.07
C PHE A 265 5.02 14.47 -24.39
N ILE A 266 4.77 13.46 -23.56
CA ILE A 266 3.59 13.45 -22.70
C ILE A 266 4.03 13.72 -21.26
N PHE A 267 3.74 14.91 -20.77
CA PHE A 267 4.05 15.24 -19.37
C PHE A 267 3.08 14.48 -18.50
N GLN A 268 3.49 13.28 -18.08
CA GLN A 268 2.57 12.33 -17.45
C GLN A 268 2.55 12.45 -15.94
N THR A 269 1.37 12.65 -15.37
CA THR A 269 1.19 12.69 -13.92
C THR A 269 0.09 11.71 -13.51
N TYR A 270 0.04 11.38 -12.22
CA TYR A 270 -0.96 10.46 -11.69
C TYR A 270 -0.93 10.39 -10.17
N PHE A 271 -2.03 9.91 -9.58
CA PHE A 271 -2.17 9.71 -8.14
C PHE A 271 -2.87 10.88 -7.46
N GLU A 272 -2.89 12.02 -8.14
CA GLU A 272 -3.58 13.21 -7.64
C GLU A 272 -3.67 14.25 -8.75
N GLY A 273 -4.22 15.41 -8.41
CA GLY A 273 -4.36 16.50 -9.36
C GLY A 273 -3.05 17.17 -9.65
N LEU A 274 -2.99 17.86 -10.78
CA LEU A 274 -1.82 18.63 -11.17
C LEU A 274 -1.72 19.89 -10.29
N ILE A 275 -0.65 20.01 -9.52
CA ILE A 275 -0.44 21.22 -8.73
C ILE A 275 -0.15 22.40 -9.63
N ASP A 276 -0.54 23.60 -9.23
CA ASP A 276 -0.27 24.81 -10.00
C ASP A 276 -0.49 24.55 -11.48
N SER A 277 -1.64 23.99 -11.81
CA SER A 277 -1.98 23.68 -13.19
C SER A 277 -1.80 24.88 -14.13
N GLN A 278 -2.15 26.07 -13.65
CA GLN A 278 -2.08 27.26 -14.50
C GLN A 278 -0.66 27.51 -14.98
N VAL A 279 0.31 27.25 -14.10
CA VAL A 279 1.73 27.40 -14.45
C VAL A 279 2.22 26.22 -15.26
N LEU A 280 1.99 25.00 -14.77
CA LEU A 280 2.47 23.79 -15.43
C LEU A 280 1.87 23.59 -16.81
N SER A 281 0.65 24.09 -17.01
CA SER A 281 -0.01 23.98 -18.31
C SER A 281 0.76 24.75 -19.38
N GLN A 282 1.69 25.58 -18.95
CA GLN A 282 2.48 26.40 -19.87
C GLN A 282 3.78 25.71 -20.29
N LEU A 283 4.03 24.51 -19.72
CA LEU A 283 5.18 23.71 -20.11
C LEU A 283 5.18 23.48 -21.61
N PRO A 284 6.36 23.57 -22.24
CA PRO A 284 6.47 23.35 -23.69
C PRO A 284 6.45 21.87 -24.09
N VAL A 285 5.37 21.17 -23.77
CA VAL A 285 5.21 19.79 -24.19
C VAL A 285 3.94 19.64 -25.04
N ASP A 286 3.90 18.63 -25.88
CA ASP A 286 2.75 18.43 -26.77
C ASP A 286 1.49 17.95 -26.01
N ALA A 287 1.70 17.23 -24.92
CA ALA A 287 0.57 16.63 -24.22
C ALA A 287 0.77 16.55 -22.71
N PHE A 288 -0.35 16.56 -21.98
CA PHE A 288 -0.34 16.42 -20.52
C PHE A 288 -1.13 15.20 -20.11
N GLY A 289 -0.59 14.43 -19.18
CA GLY A 289 -1.27 13.26 -18.66
C GLY A 289 -1.90 13.58 -17.32
N LEU A 290 -3.23 13.68 -17.29
CA LEU A 290 -3.94 14.12 -16.10
C LEU A 290 -4.81 13.01 -15.51
N ASP A 291 -4.79 12.91 -14.18
CA ASP A 291 -5.56 11.90 -13.46
C ASP A 291 -6.94 12.43 -13.08
N PHE A 292 -7.96 11.95 -13.77
CA PHE A 292 -9.33 12.36 -13.48
C PHE A 292 -10.07 11.40 -12.55
N VAL A 293 -9.34 10.42 -12.01
CA VAL A 293 -9.93 9.50 -11.05
C VAL A 293 -9.55 9.86 -9.61
N TYR A 294 -8.28 10.21 -9.40
CA TYR A 294 -7.79 10.61 -8.08
C TYR A 294 -7.49 12.10 -8.01
N GLY A 295 -7.67 12.79 -9.14
CA GLY A 295 -7.51 14.23 -9.19
C GLY A 295 -8.63 14.89 -9.97
N LEU A 296 -9.83 14.32 -9.88
CA LEU A 296 -10.99 14.76 -10.67
C LEU A 296 -11.29 16.26 -10.55
N GLU A 297 -11.56 16.71 -9.34
CA GLU A 297 -12.00 18.07 -9.10
C GLU A 297 -10.96 19.11 -9.54
N GLU A 298 -9.73 18.90 -9.12
CA GLU A 298 -8.65 19.85 -9.40
C GLU A 298 -8.34 19.93 -10.90
N ASN A 299 -8.26 18.77 -11.54
CA ASN A 299 -7.95 18.71 -12.97
C ASN A 299 -9.12 19.16 -13.84
N LEU A 300 -10.33 18.87 -13.41
CA LEU A 300 -11.52 19.28 -14.14
C LEU A 300 -11.65 20.82 -14.15
N GLU A 301 -11.32 21.44 -13.03
CA GLU A 301 -11.34 22.90 -12.96
C GLU A 301 -10.12 23.49 -13.66
N ALA A 302 -9.02 22.74 -13.67
CA ALA A 302 -7.83 23.16 -14.40
C ALA A 302 -8.14 23.34 -15.88
N ILE A 303 -8.99 22.46 -16.41
CA ILE A 303 -9.29 22.48 -17.84
C ILE A 303 -10.48 23.38 -18.17
N LYS A 304 -11.40 23.53 -17.23
CA LYS A 304 -12.54 24.42 -17.43
C LYS A 304 -12.05 25.84 -17.72
N THR A 305 -10.85 26.14 -17.23
CA THR A 305 -10.22 27.43 -17.45
C THR A 305 -9.86 27.66 -18.92
N GLY A 306 -9.84 26.57 -19.69
CA GLY A 306 -9.43 26.64 -21.08
C GLY A 306 -7.92 26.65 -21.20
N ALA A 307 -7.25 26.27 -20.12
CA ALA A 307 -5.79 26.32 -20.06
C ALA A 307 -5.12 25.30 -20.98
N PHE A 308 -5.84 24.23 -21.31
CA PHE A 308 -5.28 23.16 -22.14
C PHE A 308 -5.93 23.11 -23.51
N LYS A 309 -6.67 24.16 -23.86
CA LYS A 309 -7.42 24.19 -25.11
C LYS A 309 -6.54 23.95 -26.33
N GLY A 310 -5.27 24.35 -26.25
CA GLY A 310 -4.37 24.21 -27.38
C GLY A 310 -3.44 23.01 -27.27
N LYS A 311 -3.65 22.17 -26.27
CA LYS A 311 -2.79 21.01 -26.03
C LYS A 311 -3.57 19.71 -26.13
N GLU A 312 -2.82 18.60 -26.19
CA GLU A 312 -3.45 17.28 -26.14
C GLU A 312 -3.49 16.78 -24.69
N ILE A 313 -4.63 16.24 -24.29
CA ILE A 313 -4.78 15.67 -22.95
C ILE A 313 -4.83 14.16 -23.00
N PHE A 314 -3.98 13.51 -22.21
CA PHE A 314 -4.09 12.08 -21.97
C PHE A 314 -4.91 11.89 -20.70
N ALA A 315 -6.19 11.58 -20.89
CA ALA A 315 -7.16 11.60 -19.80
C ALA A 315 -7.22 10.28 -19.05
N GLY A 316 -6.73 10.29 -17.80
CA GLY A 316 -6.75 9.09 -16.98
C GLY A 316 -8.11 8.91 -16.36
N VAL A 317 -9.02 8.29 -17.11
CA VAL A 317 -10.43 8.23 -16.70
C VAL A 317 -10.83 6.85 -16.19
N ILE A 318 -9.97 5.87 -16.40
CA ILE A 318 -10.20 4.52 -15.89
C ILE A 318 -9.32 4.27 -14.67
N ASP A 319 -9.93 3.86 -13.56
CA ASP A 319 -9.23 3.69 -12.29
C ASP A 319 -8.13 2.65 -12.41
N GLY A 320 -6.87 3.08 -12.28
CA GLY A 320 -5.74 2.21 -12.49
C GLY A 320 -5.24 1.48 -11.26
N ARG A 321 -5.84 1.75 -10.11
CA ARG A 321 -5.48 1.01 -8.90
C ARG A 321 -6.69 0.51 -8.12
N ASN A 322 -7.80 0.30 -8.82
CA ASN A 322 -8.93 -0.41 -8.25
C ASN A 322 -9.56 -1.33 -9.29
N ILE A 323 -10.47 -2.19 -8.86
CA ILE A 323 -10.87 -3.32 -9.70
C ILE A 323 -12.35 -3.37 -10.09
N TRP A 324 -12.97 -2.21 -10.24
CA TRP A 324 -14.40 -2.14 -10.58
C TRP A 324 -14.60 -1.74 -12.03
N SER A 325 -15.56 -2.39 -12.69
CA SER A 325 -15.92 -1.97 -14.05
C SER A 325 -16.33 -0.51 -14.03
N SER A 326 -15.93 0.21 -15.07
CA SER A 326 -16.16 1.64 -15.16
C SER A 326 -17.64 2.01 -15.14
N ASP A 327 -17.94 3.18 -14.57
CA ASP A 327 -19.24 3.80 -14.71
C ASP A 327 -19.23 4.53 -16.05
N PHE A 328 -19.78 3.89 -17.07
CA PHE A 328 -19.69 4.37 -18.45
C PHE A 328 -20.43 5.68 -18.70
N VAL A 329 -21.64 5.81 -18.14
CA VAL A 329 -22.41 7.02 -18.30
C VAL A 329 -21.65 8.21 -17.72
N LYS A 330 -21.17 8.04 -16.49
CA LYS A 330 -20.36 9.06 -15.83
C LYS A 330 -19.10 9.37 -16.63
N THR A 331 -18.36 8.34 -16.99
CA THR A 331 -17.07 8.50 -17.64
C THR A 331 -17.19 9.17 -19.01
N SER A 332 -18.10 8.68 -19.84
CA SER A 332 -18.31 9.24 -21.17
C SER A 332 -18.70 10.72 -21.11
N ALA A 333 -19.54 11.07 -20.14
CA ALA A 333 -19.95 12.46 -19.95
C ALA A 333 -18.75 13.34 -19.63
N LEU A 334 -17.88 12.84 -18.76
CA LEU A 334 -16.65 13.54 -18.41
C LEU A 334 -15.74 13.69 -19.63
N LEU A 335 -15.72 12.68 -20.48
CA LEU A 335 -14.88 12.71 -21.67
C LEU A 335 -15.29 13.78 -22.67
N GLU A 336 -16.60 14.00 -22.81
CA GLU A 336 -17.10 15.05 -23.69
C GLU A 336 -16.63 16.42 -23.22
N THR A 337 -16.66 16.63 -21.91
CA THR A 337 -16.23 17.89 -21.32
C THR A 337 -14.75 18.13 -21.55
N ILE A 338 -13.98 17.05 -21.48
CA ILE A 338 -12.54 17.13 -21.70
C ILE A 338 -12.23 17.39 -23.16
N GLU A 339 -12.94 16.71 -24.05
CA GLU A 339 -12.71 16.87 -25.48
C GLU A 339 -12.93 18.31 -25.92
N GLU A 340 -13.96 18.94 -25.38
CA GLU A 340 -14.29 20.31 -25.76
C GLU A 340 -13.26 21.31 -25.25
N GLN A 341 -12.50 20.94 -24.23
CA GLN A 341 -11.52 21.84 -23.61
C GLN A 341 -10.08 21.53 -24.00
N SER A 342 -9.91 20.73 -25.05
CA SER A 342 -8.57 20.37 -25.51
C SER A 342 -8.49 20.38 -27.03
N ALA A 343 -7.26 20.44 -27.54
CA ALA A 343 -7.04 20.34 -28.98
C ALA A 343 -7.19 18.88 -29.41
N ALA A 344 -6.82 17.97 -28.51
CA ALA A 344 -6.88 16.55 -28.79
C ALA A 344 -7.02 15.74 -27.50
N LEU A 345 -7.54 14.53 -27.62
CA LEU A 345 -7.80 13.67 -26.48
C LEU A 345 -7.31 12.25 -26.75
N THR A 346 -6.61 11.68 -25.77
CA THR A 346 -6.28 10.27 -25.78
C THR A 346 -6.76 9.65 -24.48
N ILE A 347 -7.49 8.56 -24.57
CA ILE A 347 -8.11 7.94 -23.39
C ILE A 347 -7.24 6.83 -22.83
N GLN A 348 -7.01 6.85 -21.53
CA GLN A 348 -6.20 5.82 -20.88
C GLN A 348 -6.61 5.67 -19.42
N PRO A 349 -6.03 4.67 -18.72
CA PRO A 349 -6.24 4.55 -17.27
C PRO A 349 -5.54 5.66 -16.50
N SER A 350 -5.91 5.85 -15.23
CA SER A 350 -5.43 6.98 -14.44
C SER A 350 -3.97 6.79 -14.03
N CYS A 351 -3.54 5.54 -13.96
CA CYS A 351 -2.16 5.20 -13.63
C CYS A 351 -1.82 3.87 -14.28
N SER A 352 -0.56 3.46 -14.18
CA SER A 352 -0.11 2.21 -14.77
C SER A 352 -0.91 1.04 -14.22
N LEU A 353 -1.19 0.06 -15.08
CA LEU A 353 -1.96 -1.11 -14.67
C LEU A 353 -1.12 -2.02 -13.77
N LEU A 354 0.13 -1.60 -13.54
CA LEU A 354 0.98 -2.26 -12.57
C LEU A 354 0.25 -2.45 -11.24
N HIS A 355 -0.69 -1.54 -10.95
CA HIS A 355 -1.30 -1.50 -9.62
C HIS A 355 -2.61 -2.27 -9.48
N VAL A 356 -2.96 -3.07 -10.49
CA VAL A 356 -4.11 -3.97 -10.40
C VAL A 356 -3.74 -5.38 -10.86
N PRO A 357 -4.56 -6.37 -10.49
CA PRO A 357 -4.34 -7.75 -10.96
C PRO A 357 -4.46 -7.83 -12.48
N VAL A 358 -4.10 -8.97 -13.04
CA VAL A 358 -4.07 -9.13 -14.49
C VAL A 358 -5.45 -9.24 -15.13
N THR A 359 -6.27 -10.18 -14.68
CA THR A 359 -7.54 -10.45 -15.34
C THR A 359 -8.55 -11.24 -14.49
N THR A 360 -9.83 -11.01 -14.74
CA THR A 360 -10.91 -11.68 -14.01
C THR A 360 -11.38 -12.95 -14.72
N LYS A 361 -10.85 -13.18 -15.92
CA LYS A 361 -11.30 -14.28 -16.78
C LYS A 361 -11.34 -15.65 -16.10
N ASN A 362 -10.46 -15.89 -15.15
CA ASN A 362 -10.41 -17.20 -14.49
C ASN A 362 -10.92 -17.21 -13.05
N GLU A 363 -11.56 -16.12 -12.63
CA GLU A 363 -12.17 -16.07 -11.31
C GLU A 363 -13.53 -16.75 -11.37
N THR A 364 -13.52 -18.08 -11.21
CA THR A 364 -14.72 -18.90 -11.42
C THR A 364 -15.51 -19.11 -10.14
N ASP A 365 -14.93 -18.73 -9.00
CA ASP A 365 -15.62 -18.86 -7.73
C ASP A 365 -16.57 -17.68 -7.49
N LEU A 366 -16.40 -16.63 -8.28
CA LEU A 366 -17.18 -15.42 -8.13
C LEU A 366 -18.60 -15.57 -8.66
N ASP A 367 -19.53 -14.90 -8.01
CA ASP A 367 -20.91 -14.77 -8.48
C ASP A 367 -20.89 -13.90 -9.74
N PRO A 368 -21.56 -14.36 -10.81
CA PRO A 368 -21.60 -13.69 -12.11
C PRO A 368 -21.90 -12.19 -12.05
N VAL A 369 -22.82 -11.78 -11.18
CA VAL A 369 -23.21 -10.37 -11.10
C VAL A 369 -22.05 -9.52 -10.57
N LEU A 370 -21.26 -10.10 -9.68
CA LEU A 370 -20.06 -9.45 -9.21
C LEU A 370 -19.00 -9.45 -10.32
N ARG A 371 -18.65 -10.63 -10.79
CA ARG A 371 -17.59 -10.76 -11.79
C ARG A 371 -17.83 -9.88 -13.02
N ASN A 372 -19.09 -9.79 -13.46
CA ASN A 372 -19.44 -8.92 -14.60
C ASN A 372 -19.24 -7.43 -14.31
N GLY A 373 -19.20 -7.08 -13.02
CA GLY A 373 -18.97 -5.71 -12.61
C GLY A 373 -17.55 -5.50 -12.12
N LEU A 374 -16.70 -6.49 -12.36
CA LEU A 374 -15.28 -6.40 -12.00
C LEU A 374 -14.43 -6.20 -13.25
N ALA A 375 -13.36 -5.42 -13.11
CA ALA A 375 -12.43 -5.20 -14.20
C ALA A 375 -11.00 -5.10 -13.68
N PHE A 376 -10.16 -6.06 -14.08
CA PHE A 376 -8.74 -6.01 -13.78
C PHE A 376 -8.01 -5.39 -14.97
N ALA A 377 -6.70 -5.56 -15.03
CA ALA A 377 -5.89 -4.89 -16.04
C ALA A 377 -6.40 -5.12 -17.46
N ASP A 378 -6.51 -6.38 -17.85
CA ASP A 378 -6.92 -6.72 -19.21
C ASP A 378 -8.30 -6.17 -19.54
N GLU A 379 -9.23 -6.25 -18.59
CA GLU A 379 -10.59 -5.75 -18.82
C GLU A 379 -10.61 -4.22 -19.00
N LYS A 380 -9.69 -3.53 -18.33
CA LYS A 380 -9.58 -2.08 -18.45
C LYS A 380 -9.06 -1.66 -19.83
N LEU A 381 -8.23 -2.48 -20.46
CA LEU A 381 -7.77 -2.19 -21.81
C LEU A 381 -8.96 -2.21 -22.75
N THR A 382 -9.85 -3.16 -22.53
CA THR A 382 -11.06 -3.26 -23.33
C THR A 382 -11.96 -2.06 -23.07
N GLU A 383 -12.09 -1.68 -21.80
CA GLU A 383 -12.93 -0.54 -21.43
C GLU A 383 -12.49 0.74 -22.14
N VAL A 384 -11.19 1.02 -22.08
CA VAL A 384 -10.68 2.27 -22.63
C VAL A 384 -10.98 2.37 -24.12
N LYS A 385 -10.89 1.24 -24.82
CA LYS A 385 -11.20 1.20 -26.25
C LYS A 385 -12.66 1.51 -26.53
N ARG A 386 -13.55 0.91 -25.75
CA ARG A 386 -14.98 1.10 -25.95
C ARG A 386 -15.42 2.54 -25.65
N LEU A 387 -14.79 3.16 -24.66
CA LEU A 387 -15.08 4.55 -24.35
C LEU A 387 -14.72 5.47 -25.51
N ALA A 388 -13.58 5.21 -26.14
CA ALA A 388 -13.14 6.02 -27.27
C ALA A 388 -14.08 5.89 -28.46
N GLU A 389 -14.54 4.66 -28.72
CA GLU A 389 -15.39 4.41 -29.86
C GLU A 389 -16.78 5.00 -29.65
N HIS A 390 -17.26 4.98 -28.41
CA HIS A 390 -18.50 5.65 -28.07
C HIS A 390 -18.38 7.16 -28.29
N LEU A 391 -17.25 7.73 -27.89
CA LEU A 391 -17.01 9.16 -28.04
C LEU A 391 -16.96 9.54 -29.51
N ASP A 392 -16.42 8.65 -30.34
CA ASP A 392 -16.32 8.91 -31.78
C ASP A 392 -17.65 8.67 -32.50
N GLY A 393 -18.69 8.31 -31.73
CA GLY A 393 -20.01 8.14 -32.29
C GLY A 393 -20.23 6.79 -32.93
N ARG A 394 -19.31 5.86 -32.68
CA ARG A 394 -19.47 4.50 -33.16
C ARG A 394 -20.49 3.77 -32.32
N GLU A 395 -21.24 2.86 -32.94
CA GLU A 395 -22.24 2.08 -32.24
C GLU A 395 -21.69 0.70 -31.88
N ASP A 396 -21.76 0.34 -30.62
CA ASP A 396 -21.30 -0.97 -30.16
C ASP A 396 -22.21 -1.51 -29.08
N PRO A 397 -22.83 -2.69 -29.33
CA PRO A 397 -23.74 -3.31 -28.37
C PRO A 397 -23.08 -3.54 -27.02
N ALA A 398 -21.76 -3.70 -27.03
CA ALA A 398 -21.01 -3.92 -25.80
C ALA A 398 -21.09 -2.73 -24.83
N TYR A 399 -21.24 -1.53 -25.38
CA TYR A 399 -21.32 -0.33 -24.55
C TYR A 399 -22.52 -0.38 -23.59
N ASP A 400 -23.74 -0.50 -24.13
CA ASP A 400 -24.93 -0.58 -23.29
C ASP A 400 -24.97 -1.87 -22.46
N LEU A 401 -24.39 -2.94 -22.99
CA LEU A 401 -24.32 -4.18 -22.24
C LEU A 401 -23.46 -4.00 -21.00
N HIS A 402 -22.39 -3.22 -21.14
CA HIS A 402 -21.51 -2.91 -20.02
C HIS A 402 -22.27 -2.14 -18.95
N ILE A 403 -23.06 -1.15 -19.37
CA ILE A 403 -23.89 -0.37 -18.46
C ILE A 403 -24.95 -1.26 -17.78
N ALA A 404 -25.44 -2.25 -18.51
CA ALA A 404 -26.39 -3.21 -17.95
C ALA A 404 -25.75 -4.02 -16.82
N HIS A 405 -24.56 -4.53 -17.06
CA HIS A 405 -23.84 -5.29 -16.04
C HIS A 405 -23.48 -4.42 -14.85
N PHE A 406 -23.01 -3.20 -15.12
CA PHE A 406 -22.75 -2.24 -14.06
C PHE A 406 -24.03 -2.02 -13.25
N ASP A 407 -25.14 -1.81 -13.94
CA ASP A 407 -26.42 -1.57 -13.28
C ASP A 407 -26.87 -2.77 -12.45
N ALA A 408 -26.59 -3.97 -12.95
CA ALA A 408 -26.99 -5.17 -12.22
C ALA A 408 -26.26 -5.26 -10.89
N LEU A 409 -25.00 -4.85 -10.89
CA LEU A 409 -24.17 -4.90 -9.69
C LEU A 409 -24.68 -3.94 -8.62
N GLN A 410 -24.95 -2.70 -9.01
CA GLN A 410 -25.40 -1.68 -8.07
C GLN A 410 -26.72 -2.06 -7.42
N ALA A 411 -27.51 -2.89 -8.10
CA ALA A 411 -28.82 -3.29 -7.60
C ALA A 411 -28.77 -4.62 -6.84
N ALA A 412 -27.61 -5.27 -6.83
CA ALA A 412 -27.47 -6.55 -6.14
C ALA A 412 -27.90 -6.46 -4.68
N ASP A 413 -28.50 -7.53 -4.18
CA ASP A 413 -28.99 -7.56 -2.81
C ASP A 413 -27.90 -7.26 -1.78
N PHE A 414 -26.66 -7.66 -2.09
CA PHE A 414 -25.56 -7.47 -1.15
C PHE A 414 -25.08 -6.02 -1.05
N ARG A 415 -25.55 -5.17 -1.97
CA ARG A 415 -25.27 -3.74 -1.87
C ARG A 415 -26.48 -3.00 -1.32
N ASN A 416 -27.39 -3.75 -0.71
CA ASN A 416 -28.62 -3.20 -0.19
C ASN A 416 -28.97 -3.77 1.19
N VAL A 417 -27.95 -4.28 1.89
CA VAL A 417 -28.14 -4.87 3.20
C VAL A 417 -28.56 -3.83 4.24
N LYS A 418 -29.54 -4.17 5.07
CA LYS A 418 -30.00 -3.29 6.14
C LYS A 418 -29.10 -3.46 7.38
N LEU A 419 -28.35 -2.42 7.70
CA LEU A 419 -27.40 -2.50 8.81
C LEU A 419 -27.95 -1.88 10.09
N GLU A 420 -27.15 -1.90 11.14
CA GLU A 420 -27.56 -1.34 12.41
C GLU A 420 -27.68 0.18 12.30
N ASP A 421 -28.77 0.72 12.85
CA ASP A 421 -29.02 2.17 12.87
C ASP A 421 -27.98 2.85 13.74
N LEU A 422 -27.17 3.72 13.13
CA LEU A 422 -26.06 4.36 13.84
C LEU A 422 -26.51 5.31 14.93
N SER A 423 -27.71 5.87 14.79
CA SER A 423 -28.23 6.80 15.78
C SER A 423 -28.46 6.13 17.14
N ARG A 424 -28.42 4.79 17.15
CA ARG A 424 -28.57 4.04 18.39
C ARG A 424 -27.26 3.37 18.81
N VAL A 425 -26.14 3.90 18.32
CA VAL A 425 -24.83 3.33 18.63
C VAL A 425 -23.96 4.36 19.35
N ALA A 426 -23.43 3.97 20.51
CA ALA A 426 -22.55 4.84 21.28
C ALA A 426 -21.31 5.21 20.47
N THR A 427 -20.94 6.49 20.52
CA THR A 427 -19.75 6.98 19.83
C THR A 427 -18.78 7.61 20.85
N LYS A 428 -19.08 7.41 22.11
CA LYS A 428 -18.22 7.85 23.20
C LYS A 428 -18.50 6.94 24.40
N ARG A 429 -17.47 6.63 25.17
CA ARG A 429 -17.64 5.75 26.31
C ARG A 429 -18.23 6.53 27.48
N PRO A 430 -19.01 5.86 28.34
CA PRO A 430 -19.75 6.51 29.44
C PRO A 430 -18.84 7.29 30.40
N SER A 431 -17.60 6.84 30.56
CA SER A 431 -16.66 7.50 31.47
C SER A 431 -15.39 7.93 30.75
N ASP A 432 -14.73 8.96 31.28
CA ASP A 432 -13.49 9.46 30.70
C ASP A 432 -12.32 8.57 31.11
N PHE A 433 -11.18 8.76 30.47
CA PHE A 433 -10.00 7.94 30.74
C PHE A 433 -9.74 7.81 32.24
N ALA A 434 -9.66 8.94 32.92
CA ALA A 434 -9.39 8.96 34.36
C ALA A 434 -10.28 7.96 35.09
N LYS A 435 -11.59 8.13 34.95
CA LYS A 435 -12.56 7.30 35.65
C LYS A 435 -12.43 5.82 35.32
N ARG A 436 -12.01 5.52 34.10
CA ARG A 436 -11.88 4.12 33.66
C ARG A 436 -10.62 3.46 34.22
N ARG A 437 -9.54 4.23 34.28
CA ARG A 437 -8.26 3.70 34.75
C ARG A 437 -8.36 3.06 36.13
N ASP A 438 -9.08 3.70 37.05
CA ASP A 438 -9.24 3.16 38.40
C ASP A 438 -10.10 1.90 38.39
N ILE A 439 -11.23 1.97 37.70
CA ILE A 439 -12.13 0.83 37.58
C ILE A 439 -11.39 -0.36 37.01
N GLN A 440 -10.60 -0.13 35.96
CA GLN A 440 -9.83 -1.19 35.33
C GLN A 440 -8.71 -1.69 36.24
N GLN A 441 -8.04 -0.77 36.92
CA GLN A 441 -6.97 -1.12 37.84
C GLN A 441 -7.49 -1.97 39.01
N GLU A 442 -8.70 -1.68 39.44
CA GLU A 442 -9.32 -2.39 40.57
C GLU A 442 -9.71 -3.82 40.17
N LYS A 443 -9.94 -4.02 38.88
CA LYS A 443 -10.30 -5.35 38.39
C LYS A 443 -9.08 -6.16 38.02
N LEU A 444 -8.10 -5.50 37.41
CA LEU A 444 -6.94 -6.18 36.85
C LEU A 444 -5.79 -6.34 37.84
N HIS A 445 -5.56 -5.32 38.66
CA HIS A 445 -4.46 -5.34 39.62
C HIS A 445 -3.14 -5.66 38.93
N LEU A 446 -2.85 -4.96 37.84
CA LEU A 446 -1.60 -5.14 37.12
C LEU A 446 -0.47 -4.38 37.81
N PRO A 447 0.75 -4.93 37.75
CA PRO A 447 1.95 -4.29 38.31
C PRO A 447 2.32 -3.04 37.54
N LEU A 448 3.14 -2.19 38.14
CA LEU A 448 3.65 -1.01 37.46
C LEU A 448 4.49 -1.45 36.26
N LEU A 449 4.42 -0.70 35.17
CA LEU A 449 5.11 -1.08 33.95
C LEU A 449 4.78 -2.52 33.56
N PRO A 450 3.51 -2.81 33.28
CA PRO A 450 3.10 -4.17 32.92
C PRO A 450 3.77 -4.62 31.63
N THR A 451 4.07 -5.91 31.53
CA THR A 451 4.69 -6.46 30.33
C THR A 451 3.66 -7.23 29.49
N THR A 452 3.82 -7.17 28.17
CA THR A 452 2.92 -7.86 27.26
C THR A 452 3.50 -7.89 25.84
N THR A 453 2.79 -8.51 24.92
CA THR A 453 3.21 -8.55 23.52
C THR A 453 2.07 -8.09 22.59
N ILE A 454 2.40 -7.78 21.35
CA ILE A 454 1.45 -7.18 20.44
C ILE A 454 0.45 -8.17 19.86
N GLY A 455 0.73 -9.47 19.98
CA GLY A 455 -0.23 -10.48 19.60
C GLY A 455 0.28 -11.71 18.89
N SER A 456 1.12 -11.53 17.88
CA SER A 456 1.59 -12.65 17.07
C SER A 456 2.91 -13.24 17.57
N PHE A 457 3.01 -14.57 17.51
CA PHE A 457 4.25 -15.27 17.78
C PHE A 457 4.73 -15.94 16.50
N PRO A 458 6.00 -16.38 16.47
CA PRO A 458 6.55 -17.00 15.26
C PRO A 458 5.71 -18.17 14.79
N GLN A 459 5.46 -18.25 13.48
CA GLN A 459 4.67 -19.34 12.92
C GLN A 459 5.56 -20.38 12.25
N SER A 460 5.75 -21.51 12.92
CA SER A 460 6.61 -22.58 12.38
C SER A 460 5.93 -23.30 11.22
N ILE A 463 1.92 -24.11 12.45
CA ILE A 463 2.73 -24.50 11.30
C ILE A 463 1.98 -24.28 10.00
N ARG A 464 2.66 -23.70 9.02
CA ARG A 464 2.06 -23.41 7.72
C ARG A 464 1.85 -24.69 6.92
N ARG A 465 2.65 -25.71 7.22
CA ARG A 465 2.51 -27.01 6.57
C ARG A 465 1.18 -27.62 6.95
N THR A 466 0.84 -27.51 8.22
CA THR A 466 -0.41 -28.04 8.74
C THR A 466 -1.61 -27.33 8.10
N ARG A 467 -1.50 -26.01 7.97
CA ARG A 467 -2.57 -25.22 7.37
C ARG A 467 -2.64 -25.43 5.87
N ALA A 469 -3.58 -27.80 3.52
CA ALA A 469 -3.40 -29.11 4.12
C ALA A 469 -4.50 -29.44 5.13
N TRP A 470 -5.68 -28.84 4.92
CA TRP A 470 -6.83 -29.13 5.78
C TRP A 470 -8.10 -28.50 5.20
N GLY A 473 -5.91 -28.59 0.34
CA GLY A 473 -5.92 -29.98 0.75
C GLY A 473 -7.07 -30.29 1.68
N ASP A 474 -6.97 -31.42 2.39
CA ASP A 474 -8.02 -31.82 3.33
C ASP A 474 -7.44 -32.44 4.60
N ILE A 475 -8.06 -32.10 5.72
CA ILE A 475 -7.72 -32.64 7.04
C ILE A 475 -8.74 -32.12 8.02
N SER A 476 -9.39 -33.03 8.74
CA SER A 476 -10.54 -32.66 9.57
C SER A 476 -10.33 -31.36 10.33
N ASP A 477 -11.38 -30.54 10.38
CA ASP A 477 -11.33 -29.28 11.09
C ASP A 477 -10.96 -29.49 12.56
N ALA A 478 -11.36 -30.64 13.09
CA ALA A 478 -11.09 -30.97 14.49
C ALA A 478 -9.61 -31.23 14.73
N GLU A 479 -8.95 -31.87 13.77
CA GLU A 479 -7.51 -32.10 13.84
C GLU A 479 -6.74 -30.78 13.74
N TYR A 480 -7.13 -29.94 12.78
CA TYR A 480 -6.49 -28.66 12.60
C TYR A 480 -6.64 -27.79 13.84
N LYS A 481 -7.84 -27.77 14.39
CA LYS A 481 -8.12 -26.98 15.59
C LYS A 481 -7.33 -27.50 16.80
N GLN A 482 -7.27 -28.82 16.92
CA GLN A 482 -6.49 -29.44 18.00
C GLN A 482 -5.02 -29.08 17.85
N PHE A 483 -4.55 -29.06 16.60
CA PHE A 483 -3.18 -28.66 16.30
C PHE A 483 -2.92 -27.22 16.73
N ILE A 484 -3.79 -26.31 16.30
CA ILE A 484 -3.65 -24.90 16.65
C ILE A 484 -3.70 -24.68 18.15
N GLN A 485 -4.68 -25.31 18.81
CA GLN A 485 -4.86 -25.17 20.25
C GLN A 485 -3.65 -25.69 21.02
N ALA A 486 -2.97 -26.70 20.46
CA ALA A 486 -1.78 -27.25 21.09
C ALA A 486 -0.65 -26.22 21.08
N GLU A 487 -0.51 -25.53 19.96
CA GLU A 487 0.52 -24.50 19.80
C GLU A 487 0.20 -23.27 20.64
N ILE A 488 -1.09 -23.00 20.82
CA ILE A 488 -1.53 -21.89 21.65
C ILE A 488 -1.18 -22.18 23.11
N GLU A 489 -1.50 -23.39 23.57
CA GLU A 489 -1.19 -23.77 24.95
C GLU A 489 0.32 -23.75 25.21
N ARG A 490 1.10 -24.13 24.21
CA ARG A 490 2.54 -24.17 24.35
C ARG A 490 3.12 -22.78 24.62
N TRP A 491 2.64 -21.79 23.88
CA TRP A 491 3.13 -20.42 24.04
C TRP A 491 2.55 -19.73 25.26
N ILE A 492 1.44 -20.26 25.78
CA ILE A 492 0.90 -19.75 27.03
C ILE A 492 1.87 -20.08 28.16
N ARG A 493 2.32 -21.33 28.21
CA ARG A 493 3.31 -21.76 29.20
C ARG A 493 4.60 -20.97 29.04
N ILE A 494 5.04 -20.81 27.80
CA ILE A 494 6.20 -19.98 27.49
C ILE A 494 6.04 -18.60 28.13
N GLN A 495 4.96 -17.91 27.76
CA GLN A 495 4.66 -16.60 28.30
C GLN A 495 4.63 -16.63 29.83
N GLU A 496 4.02 -17.68 30.38
CA GLU A 496 3.93 -17.81 31.83
C GLU A 496 5.31 -18.00 32.48
N ASP A 497 6.25 -18.55 31.72
CA ASP A 497 7.60 -18.79 32.23
C ASP A 497 8.52 -17.60 32.01
N LEU A 498 8.20 -16.79 31.00
CA LEU A 498 8.89 -15.52 30.79
C LEU A 498 8.39 -14.53 31.82
N ASP A 499 7.22 -14.82 32.38
CA ASP A 499 6.57 -13.98 33.38
C ASP A 499 5.95 -12.71 32.79
N LEU A 500 5.55 -12.78 31.52
CA LEU A 500 4.80 -11.69 30.92
C LEU A 500 3.50 -11.49 31.69
N ASP A 501 3.10 -10.24 31.87
CA ASP A 501 1.91 -9.92 32.68
C ASP A 501 0.60 -10.04 31.93
N VAL A 502 0.61 -9.71 30.64
CA VAL A 502 -0.57 -9.83 29.80
C VAL A 502 -0.27 -10.68 28.59
N LEU A 503 -1.00 -11.77 28.44
CA LEU A 503 -0.69 -12.80 27.44
C LEU A 503 -1.53 -12.66 26.17
N VAL A 504 -0.99 -13.18 25.06
CA VAL A 504 -1.70 -13.24 23.79
C VAL A 504 -1.74 -14.70 23.36
N HIS A 505 -2.63 -15.04 22.43
CA HIS A 505 -2.77 -16.44 22.00
C HIS A 505 -1.81 -16.83 20.87
N GLY A 506 -1.32 -15.83 20.13
CA GLY A 506 -0.29 -16.08 19.14
C GLY A 506 -0.73 -15.89 17.69
N GLU A 507 -2.03 -15.93 17.45
CA GLU A 507 -2.58 -15.72 16.12
C GLU A 507 -2.03 -16.73 15.11
N PHE A 508 -1.73 -17.93 15.58
CA PHE A 508 -1.21 -18.99 14.72
C PHE A 508 -2.20 -19.35 13.61
N GLU A 509 -3.48 -19.13 13.88
CA GLU A 509 -4.55 -19.48 12.95
C GLU A 509 -4.71 -18.45 11.83
N ARG A 510 -4.01 -17.34 11.95
CA ARG A 510 -4.14 -16.24 11.01
C ARG A 510 -2.96 -16.14 10.06
N VAL A 511 -3.22 -16.08 8.77
CA VAL A 511 -2.18 -15.96 7.76
C VAL A 511 -2.08 -14.52 7.27
N ASP A 512 -3.11 -13.74 7.57
CA ASP A 512 -3.17 -12.34 7.17
C ASP A 512 -4.14 -11.58 8.08
N MET A 513 -3.69 -10.44 8.60
CA MET A 513 -4.45 -9.70 9.60
C MET A 513 -5.73 -9.08 9.04
N VAL A 514 -5.85 -9.04 7.72
CA VAL A 514 -7.06 -8.52 7.08
C VAL A 514 -7.98 -9.63 6.59
N GLU A 515 -7.43 -10.51 5.75
CA GLU A 515 -8.23 -11.58 5.15
C GLU A 515 -8.86 -12.52 6.18
N PHE A 516 -8.19 -12.69 7.32
CA PHE A 516 -8.72 -13.52 8.40
C PHE A 516 -10.10 -13.04 8.85
N PHE A 517 -10.31 -11.73 8.81
CA PHE A 517 -11.58 -11.15 9.21
C PHE A 517 -12.60 -11.11 8.07
N GLY A 518 -12.15 -10.70 6.90
CA GLY A 518 -13.00 -10.65 5.73
C GLY A 518 -13.58 -12.01 5.35
N GLN A 519 -12.95 -13.08 5.84
CA GLN A 519 -13.39 -14.43 5.54
C GLN A 519 -14.76 -14.73 6.13
N LYS A 520 -15.07 -14.09 7.26
CA LYS A 520 -16.33 -14.34 7.95
C LYS A 520 -17.25 -13.12 7.97
N LEU A 521 -16.87 -12.07 7.26
CA LEU A 521 -17.68 -10.87 7.17
C LEU A 521 -18.42 -10.80 5.84
N ALA A 522 -19.71 -10.48 5.89
CA ALA A 522 -20.47 -10.27 4.67
C ALA A 522 -19.87 -9.11 3.89
N GLY A 523 -19.97 -9.15 2.56
CA GLY A 523 -19.47 -8.08 1.72
C GLY A 523 -18.01 -8.24 1.35
N PHE A 524 -17.35 -9.22 1.94
CA PHE A 524 -15.96 -9.52 1.60
C PHE A 524 -15.87 -10.76 0.70
N THR A 525 -14.87 -10.77 -0.17
CA THR A 525 -14.54 -11.94 -0.95
C THR A 525 -13.06 -11.97 -1.27
N THR A 526 -12.55 -13.15 -1.60
CA THR A 526 -11.17 -13.31 -2.00
C THR A 526 -11.11 -13.76 -3.46
N THR A 527 -10.03 -13.43 -4.15
CA THR A 527 -9.85 -13.91 -5.52
C THR A 527 -8.93 -15.13 -5.53
N LYS A 528 -8.94 -15.85 -6.64
CA LYS A 528 -8.06 -17.01 -6.82
C LYS A 528 -6.70 -16.59 -7.34
N PHE A 529 -6.65 -15.58 -8.20
CA PHE A 529 -5.43 -15.22 -8.90
C PHE A 529 -5.13 -13.72 -8.93
N GLY A 530 -5.81 -12.94 -8.10
CA GLY A 530 -5.69 -11.49 -8.13
C GLY A 530 -4.44 -10.94 -7.47
N TRP A 531 -3.26 -11.33 -7.95
CA TRP A 531 -2.02 -10.86 -7.35
C TRP A 531 -1.58 -9.51 -7.89
N VAL A 532 -0.99 -8.70 -7.00
CA VAL A 532 -0.44 -7.41 -7.36
C VAL A 532 0.97 -7.31 -6.78
N GLN A 533 1.93 -6.90 -7.59
CA GLN A 533 3.32 -6.77 -7.14
C GLN A 533 3.45 -5.66 -6.11
N SER A 534 4.12 -5.95 -4.99
CA SER A 534 4.36 -4.94 -3.95
C SER A 534 5.82 -4.47 -3.93
N TYR A 535 6.75 -5.42 -4.00
CA TYR A 535 8.16 -5.08 -4.17
C TYR A 535 8.93 -6.32 -4.60
N GLY A 536 9.92 -6.12 -5.47
CA GLY A 536 10.67 -7.24 -6.01
C GLY A 536 9.74 -8.32 -6.52
N SER A 537 10.02 -9.57 -6.14
CA SER A 537 9.20 -10.69 -6.57
C SER A 537 8.03 -10.93 -5.61
N ARG A 538 7.96 -10.15 -4.54
CA ARG A 538 6.85 -10.27 -3.59
C ARG A 538 5.59 -9.61 -4.13
N ALA A 539 4.47 -10.28 -3.95
CA ALA A 539 3.18 -9.77 -4.40
C ALA A 539 2.09 -10.09 -3.38
N VAL A 540 1.01 -9.33 -3.41
CA VAL A 540 -0.12 -9.56 -2.53
C VAL A 540 -1.38 -9.87 -3.32
N LYS A 541 -2.30 -10.62 -2.72
CA LYS A 541 -3.59 -10.89 -3.32
C LYS A 541 -4.68 -10.28 -2.42
N PRO A 542 -4.95 -8.98 -2.60
CA PRO A 542 -5.86 -8.26 -1.70
C PRO A 542 -7.28 -8.80 -1.77
N PRO A 543 -7.96 -8.86 -0.63
CA PRO A 543 -9.37 -9.22 -0.61
C PRO A 543 -10.18 -8.13 -1.31
N ILE A 544 -11.40 -8.45 -1.73
CA ILE A 544 -12.27 -7.45 -2.33
C ILE A 544 -13.47 -7.17 -1.44
N ILE A 545 -13.67 -5.90 -1.09
CA ILE A 545 -14.87 -5.47 -0.40
C ILE A 545 -15.90 -5.06 -1.45
N TYR A 546 -16.79 -5.98 -1.79
CA TYR A 546 -17.71 -5.78 -2.91
C TYR A 546 -19.11 -5.35 -2.48
N GLY A 547 -19.48 -5.65 -1.24
CA GLY A 547 -20.80 -5.32 -0.75
C GLY A 547 -20.79 -4.76 0.66
N ASP A 548 -21.98 -4.50 1.21
CA ASP A 548 -22.11 -3.97 2.56
C ASP A 548 -21.47 -4.93 3.56
N VAL A 549 -20.65 -4.37 4.46
CA VAL A 549 -19.98 -5.17 5.48
C VAL A 549 -20.89 -5.41 6.66
N GLN A 550 -20.97 -6.65 7.12
CA GLN A 550 -21.83 -7.01 8.23
C GLN A 550 -21.30 -8.20 9.01
N HIS A 551 -21.25 -8.05 10.33
CA HIS A 551 -20.80 -9.12 11.22
C HIS A 551 -21.90 -10.17 11.38
N LEU A 552 -21.59 -11.41 11.05
CA LEU A 552 -22.59 -12.48 11.03
C LEU A 552 -22.33 -13.58 12.06
N GLU A 553 -21.07 -13.74 12.43
CA GLU A 553 -20.64 -14.86 13.27
C GLU A 553 -19.34 -14.51 13.99
N PRO A 554 -19.06 -15.17 15.13
CA PRO A 554 -17.82 -14.97 15.86
C PRO A 554 -16.62 -15.21 14.95
N ILE A 555 -15.62 -14.34 15.00
CA ILE A 555 -14.46 -14.47 14.13
C ILE A 555 -13.20 -14.90 14.88
N THR A 556 -12.99 -14.35 16.07
CA THR A 556 -11.77 -14.59 16.82
C THR A 556 -12.03 -15.15 18.21
N VAL A 557 -13.31 -15.26 18.56
CA VAL A 557 -13.70 -15.56 19.95
C VAL A 557 -13.16 -16.89 20.46
N GLU A 558 -13.29 -17.95 19.65
CA GLU A 558 -12.89 -19.29 20.08
C GLU A 558 -11.44 -19.37 20.56
N GLU A 559 -10.51 -18.90 19.72
CA GLU A 559 -9.09 -18.94 20.06
C GLU A 559 -8.78 -18.13 21.32
N THR A 560 -9.32 -16.92 21.39
CA THR A 560 -9.05 -16.03 22.52
C THR A 560 -9.56 -16.62 23.82
N VAL A 561 -10.81 -17.06 23.83
CA VAL A 561 -11.40 -17.69 25.01
C VAL A 561 -10.59 -18.90 25.46
N TYR A 562 -10.18 -19.73 24.51
CA TYR A 562 -9.39 -20.93 24.82
C TYR A 562 -8.06 -20.58 25.46
N ALA A 563 -7.44 -19.49 25.00
CA ALA A 563 -6.18 -19.04 25.57
C ALA A 563 -6.41 -18.59 27.01
N GLN A 564 -7.53 -17.92 27.25
CA GLN A 564 -7.86 -17.43 28.58
C GLN A 564 -8.18 -18.57 29.55
N SER A 565 -8.60 -19.71 29.02
CA SER A 565 -8.96 -20.85 29.86
C SER A 565 -7.73 -21.62 30.34
N LEU A 566 -6.55 -21.24 29.83
CA LEU A 566 -5.32 -21.94 30.17
C LEU A 566 -4.49 -21.21 31.22
N THR A 567 -4.70 -19.90 31.35
CA THR A 567 -3.90 -19.08 32.25
C THR A 567 -4.74 -18.23 33.19
N ASP A 568 -4.16 -17.86 34.32
CA ASP A 568 -4.79 -16.96 35.27
C ASP A 568 -4.55 -15.51 34.84
N ARG A 569 -3.53 -15.32 34.02
CA ARG A 569 -3.16 -13.99 33.56
C ARG A 569 -4.08 -13.52 32.43
N PRO A 570 -4.29 -12.20 32.36
CA PRO A 570 -5.18 -11.60 31.35
C PRO A 570 -4.72 -11.91 29.92
N VAL A 571 -5.66 -12.28 29.07
CA VAL A 571 -5.38 -12.57 27.67
C VAL A 571 -6.02 -11.48 26.80
N LYS A 572 -5.22 -10.88 25.93
CA LYS A 572 -5.72 -9.84 25.04
C LYS A 572 -6.40 -10.40 23.80
N GLY A 573 -7.45 -9.73 23.36
CA GLY A 573 -8.05 -10.03 22.06
C GLY A 573 -7.41 -9.13 21.02
N MET A 574 -7.22 -9.67 19.82
CA MET A 574 -6.64 -8.87 18.73
C MET A 574 -7.60 -8.79 17.54
N LEU A 575 -7.94 -7.57 17.15
CA LEU A 575 -8.75 -7.33 15.97
C LEU A 575 -8.02 -6.34 15.08
N THR A 576 -8.48 -6.22 13.84
CA THR A 576 -7.90 -5.28 12.89
C THR A 576 -8.86 -4.13 12.63
N GLY A 577 -8.34 -2.92 12.49
CA GLY A 577 -9.15 -1.74 12.31
C GLY A 577 -9.49 -1.43 10.86
N PRO A 578 -10.39 -0.46 10.67
CA PRO A 578 -10.92 -0.01 9.37
C PRO A 578 -9.84 0.53 8.44
N ILE A 579 -8.85 1.21 8.99
CA ILE A 579 -7.75 1.76 8.19
C ILE A 579 -7.02 0.65 7.44
N THR A 580 -6.59 -0.37 8.18
CA THR A 580 -5.85 -1.47 7.60
C THR A 580 -6.76 -2.30 6.68
N ILE A 581 -7.96 -2.59 7.14
CA ILE A 581 -8.88 -3.39 6.36
C ILE A 581 -9.17 -2.76 5.00
N THR A 582 -9.49 -1.48 4.99
CA THR A 582 -9.81 -0.79 3.74
C THR A 582 -8.58 -0.56 2.86
N ASN A 583 -7.44 -0.26 3.49
CA ASN A 583 -6.22 0.01 2.74
C ASN A 583 -5.66 -1.27 2.10
N TRP A 584 -5.72 -2.36 2.84
CA TRP A 584 -5.21 -3.64 2.35
C TRP A 584 -6.13 -4.30 1.33
N SER A 585 -7.42 -3.96 1.38
CA SER A 585 -8.40 -4.56 0.49
C SER A 585 -8.66 -3.65 -0.71
N PHE A 586 -9.27 -4.21 -1.75
CA PHE A 586 -9.84 -3.40 -2.82
C PHE A 586 -11.25 -3.02 -2.40
N GLU A 587 -11.43 -1.77 -2.00
CA GLU A 587 -12.72 -1.32 -1.47
C GLU A 587 -13.65 -0.84 -2.58
N ARG A 588 -14.95 -0.88 -2.31
CA ARG A 588 -15.96 -0.33 -3.20
C ARG A 588 -15.69 1.14 -3.45
N THR A 589 -16.09 1.62 -4.61
CA THR A 589 -15.96 3.04 -4.94
C THR A 589 -17.34 3.66 -5.16
N ASP A 590 -18.38 2.89 -4.86
CA ASP A 590 -19.75 3.36 -5.06
C ASP A 590 -20.34 3.96 -3.78
N ILE A 591 -19.61 3.87 -2.69
CA ILE A 591 -19.96 4.57 -1.45
C ILE A 591 -18.75 5.31 -0.89
N PRO A 592 -18.98 6.42 -0.18
CA PRO A 592 -17.92 7.29 0.35
C PRO A 592 -17.08 6.59 1.42
N ARG A 593 -15.84 7.07 1.62
CA ARG A 593 -14.93 6.50 2.59
C ARG A 593 -15.54 6.32 3.98
N ASP A 594 -16.15 7.40 4.48
CA ASP A 594 -16.71 7.38 5.83
C ASP A 594 -17.81 6.33 6.01
N GLN A 595 -18.68 6.18 5.01
CA GLN A 595 -19.75 5.20 5.09
C GLN A 595 -19.16 3.79 5.24
N LEU A 596 -18.19 3.47 4.40
CA LEU A 596 -17.50 2.18 4.46
C LEU A 596 -16.83 1.99 5.82
N PHE A 597 -16.08 3.01 6.25
CA PHE A 597 -15.40 2.97 7.53
C PHE A 597 -16.36 2.66 8.66
N ASN A 598 -17.52 3.31 8.67
CA ASN A 598 -18.50 3.14 9.73
C ASN A 598 -19.09 1.73 9.72
N GLN A 599 -19.41 1.23 8.52
CA GLN A 599 -19.87 -0.15 8.35
C GLN A 599 -18.91 -1.09 9.06
N ILE A 600 -17.63 -0.97 8.75
CA ILE A 600 -16.60 -1.82 9.32
C ILE A 600 -16.53 -1.65 10.83
N GLY A 601 -16.63 -0.40 11.28
CA GLY A 601 -16.64 -0.10 12.70
C GLY A 601 -17.73 -0.87 13.41
N LEU A 602 -18.93 -0.88 12.83
CA LEU A 602 -20.05 -1.62 13.38
C LEU A 602 -19.72 -3.09 13.52
N ALA A 603 -19.06 -3.64 12.50
CA ALA A 603 -18.66 -5.04 12.51
C ALA A 603 -17.69 -5.31 13.65
N ILE A 604 -16.73 -4.42 13.84
CA ILE A 604 -15.74 -4.59 14.91
C ILE A 604 -16.41 -4.46 16.28
N LYS A 605 -17.36 -3.54 16.38
CA LYS A 605 -18.16 -3.40 17.59
C LYS A 605 -18.84 -4.71 17.94
N ASP A 606 -19.47 -5.32 16.95
CA ASP A 606 -20.20 -6.58 17.14
C ASP A 606 -19.28 -7.70 17.62
N GLU A 607 -18.10 -7.81 17.02
CA GLU A 607 -17.11 -8.79 17.44
C GLU A 607 -16.67 -8.51 18.87
N ILE A 608 -16.44 -7.23 19.15
CA ILE A 608 -15.98 -6.81 20.48
C ILE A 608 -16.99 -7.19 21.55
N LYS A 609 -18.27 -7.09 21.22
CA LYS A 609 -19.33 -7.44 22.17
C LYS A 609 -19.25 -8.92 22.54
N LEU A 610 -19.01 -9.75 21.55
CA LEU A 610 -18.88 -11.19 21.75
C LEU A 610 -17.69 -11.53 22.64
N LEU A 611 -16.56 -10.88 22.35
CA LEU A 611 -15.35 -11.07 23.14
C LEU A 611 -15.58 -10.71 24.59
N GLU A 612 -16.24 -9.58 24.80
CA GLU A 612 -16.49 -9.09 26.16
C GLU A 612 -17.45 -10.00 26.91
N ASN A 613 -18.53 -10.39 26.25
CA ASN A 613 -19.51 -11.31 26.84
C ASN A 613 -18.83 -12.60 27.28
N ALA A 614 -17.82 -13.02 26.54
CA ALA A 614 -17.13 -14.28 26.79
C ALA A 614 -16.02 -14.13 27.84
N GLY A 615 -15.84 -12.92 28.37
CA GLY A 615 -14.96 -12.70 29.49
C GLY A 615 -13.60 -12.11 29.19
N ILE A 616 -13.34 -11.78 27.92
CA ILE A 616 -12.07 -11.16 27.54
C ILE A 616 -12.06 -9.70 27.99
N ALA A 617 -11.11 -9.35 28.86
CA ALA A 617 -11.14 -8.06 29.55
C ALA A 617 -10.18 -7.01 28.96
N ILE A 618 -9.30 -7.42 28.07
CA ILE A 618 -8.41 -6.50 27.38
C ILE A 618 -8.52 -6.77 25.88
N ILE A 619 -8.98 -5.77 25.13
CA ILE A 619 -9.18 -5.94 23.70
C ILE A 619 -8.38 -4.92 22.91
N GLN A 620 -7.66 -5.40 21.90
CA GLN A 620 -6.75 -4.56 21.14
C GLN A 620 -7.17 -4.40 19.68
N VAL A 621 -7.19 -3.16 19.20
CA VAL A 621 -7.50 -2.87 17.80
C VAL A 621 -6.23 -2.52 17.04
N ASP A 622 -5.86 -3.38 16.09
CA ASP A 622 -4.63 -3.19 15.33
C ASP A 622 -4.81 -2.34 14.08
N GLU A 623 -3.92 -1.36 13.92
CA GLU A 623 -3.86 -0.56 12.71
C GLU A 623 -2.41 -0.50 12.25
N ALA A 624 -2.15 -0.93 11.02
CA ALA A 624 -0.78 -1.02 10.54
C ALA A 624 -0.55 -0.20 9.27
N ALA A 625 -1.63 0.31 8.69
CA ALA A 625 -1.56 0.92 7.37
C ALA A 625 -1.84 2.43 7.36
N LEU A 626 -1.64 3.10 8.49
CA LEU A 626 -1.91 4.53 8.55
C LEU A 626 -0.99 5.28 7.60
N ARG A 627 0.28 4.88 7.54
CA ARG A 627 1.24 5.52 6.67
C ARG A 627 0.80 5.44 5.21
N GLU A 628 0.26 4.29 4.82
CA GLU A 628 -0.17 4.09 3.44
C GLU A 628 -1.57 4.64 3.21
N GLY A 629 -2.35 4.73 4.28
CA GLY A 629 -3.74 5.17 4.18
C GLY A 629 -3.88 6.68 4.18
N LEU A 630 -2.90 7.38 4.75
CA LEU A 630 -2.92 8.83 4.83
C LEU A 630 -2.83 9.45 3.44
N PRO A 631 -3.78 10.32 3.09
CA PRO A 631 -3.81 10.98 1.77
C PRO A 631 -2.50 11.68 1.45
N LEU A 632 -2.17 11.80 0.17
CA LEU A 632 -0.92 12.43 -0.26
C LEU A 632 -0.88 13.89 0.15
N ARG A 633 -1.99 14.58 -0.08
CA ARG A 633 -2.10 16.01 0.21
C ARG A 633 -2.34 16.26 1.70
N LYS A 634 -1.51 17.10 2.29
CA LYS A 634 -1.63 17.47 3.69
C LYS A 634 -3.02 18.03 3.95
N SER A 635 -3.51 18.84 3.03
CA SER A 635 -4.80 19.52 3.17
C SER A 635 -5.99 18.56 3.24
N LYS A 636 -5.77 17.31 2.88
CA LYS A 636 -6.85 16.32 2.87
C LYS A 636 -6.71 15.29 3.99
N GLN A 637 -5.67 15.44 4.80
CA GLN A 637 -5.34 14.42 5.80
C GLN A 637 -6.23 14.46 7.04
N LYS A 638 -6.71 15.65 7.39
CA LYS A 638 -7.54 15.81 8.58
C LYS A 638 -8.89 15.10 8.43
N ALA A 639 -9.50 15.26 7.26
CA ALA A 639 -10.80 14.64 7.00
C ALA A 639 -10.68 13.12 7.06
N TYR A 640 -9.53 12.60 6.62
CA TYR A 640 -9.27 11.17 6.69
C TYR A 640 -9.16 10.72 8.14
N LEU A 641 -8.30 11.39 8.90
CA LEU A 641 -8.11 11.06 10.31
C LEU A 641 -9.43 11.17 11.07
N ASP A 642 -10.17 12.25 10.80
CA ASP A 642 -11.49 12.43 11.38
C ASP A 642 -12.36 11.19 11.16
N ASP A 643 -12.43 10.73 9.91
CA ASP A 643 -13.18 9.53 9.57
C ASP A 643 -12.71 8.33 10.39
N ALA A 644 -11.40 8.15 10.47
CA ALA A 644 -10.82 7.02 11.20
C ALA A 644 -11.15 7.09 12.68
N VAL A 645 -11.03 8.28 13.25
CA VAL A 645 -11.33 8.49 14.66
C VAL A 645 -12.78 8.12 14.95
N HIS A 646 -13.69 8.59 14.10
CA HIS A 646 -15.12 8.33 14.30
C HIS A 646 -15.44 6.84 14.20
N ALA A 647 -14.87 6.18 13.19
CA ALA A 647 -15.08 4.74 13.02
C ALA A 647 -14.51 3.97 14.20
N PHE A 648 -13.45 4.49 14.80
CA PHE A 648 -12.84 3.86 15.97
C PHE A 648 -13.78 3.98 17.16
N HIS A 649 -14.47 5.12 17.27
CA HIS A 649 -15.43 5.32 18.33
C HIS A 649 -16.62 4.38 18.17
N ILE A 650 -17.13 4.30 16.95
CA ILE A 650 -18.19 3.35 16.63
C ILE A 650 -17.83 1.94 17.11
N ALA A 651 -16.58 1.57 16.90
CA ALA A 651 -16.12 0.21 17.20
C ALA A 651 -15.94 -0.07 18.69
N THR A 652 -15.51 0.93 19.45
CA THR A 652 -15.02 0.69 20.80
C THR A 652 -15.76 1.39 21.94
N SER A 653 -16.85 2.07 21.63
CA SER A 653 -17.54 2.87 22.65
C SER A 653 -18.66 2.12 23.37
N SER A 654 -18.87 0.85 23.01
CA SER A 654 -19.99 0.08 23.57
C SER A 654 -19.57 -0.95 24.60
N VAL A 655 -18.31 -0.88 25.03
CA VAL A 655 -17.78 -1.77 26.07
C VAL A 655 -18.02 -1.18 27.45
N LYS A 656 -18.01 -2.05 28.46
CA LYS A 656 -18.11 -1.58 29.84
C LYS A 656 -16.87 -0.79 30.19
N ASP A 657 -16.95 0.00 31.25
CA ASP A 657 -15.83 0.84 31.67
C ASP A 657 -14.66 0.02 32.18
N GLU A 658 -14.92 -1.22 32.57
CA GLU A 658 -13.89 -2.09 33.12
C GLU A 658 -13.10 -2.76 32.01
N THR A 659 -13.70 -2.82 30.82
CA THR A 659 -13.05 -3.44 29.67
C THR A 659 -12.01 -2.51 29.09
N GLN A 660 -10.77 -2.98 29.05
CA GLN A 660 -9.64 -2.16 28.64
C GLN A 660 -9.39 -2.25 27.14
N ILE A 661 -9.47 -1.11 26.47
CA ILE A 661 -9.29 -1.03 25.02
C ILE A 661 -7.88 -0.57 24.68
N HIS A 662 -7.16 -1.43 23.97
CA HIS A 662 -5.82 -1.12 23.49
C HIS A 662 -5.87 -0.93 21.99
N THR A 663 -4.93 -0.15 21.46
CA THR A 663 -4.76 -0.08 20.02
C THR A 663 -3.29 0.01 19.66
N HIS A 664 -2.89 -0.79 18.68
CA HIS A 664 -1.54 -0.78 18.18
C HIS A 664 -1.47 -0.09 16.87
N MET A 665 -0.50 0.77 16.73
CA MET A 665 -0.40 1.52 15.53
C MET A 665 1.02 1.50 15.06
N CYS A 666 1.25 0.82 13.97
CA CYS A 666 2.49 0.86 13.26
C CYS A 666 2.68 2.23 12.63
N TYR A 667 3.59 2.98 13.22
CA TYR A 667 3.83 4.35 12.79
C TYR A 667 5.09 4.90 13.45
N SER A 668 5.79 5.78 12.76
CA SER A 668 7.00 6.38 13.31
C SER A 668 6.77 7.81 13.80
N LYS A 669 6.28 8.67 12.90
CA LYS A 669 6.06 10.07 13.21
C LYS A 669 4.66 10.32 13.77
N PHE A 670 4.59 10.79 15.02
CA PHE A 670 3.29 11.02 15.66
C PHE A 670 2.99 12.51 15.86
N ASP A 671 3.94 13.36 15.47
CA ASP A 671 3.82 14.80 15.71
C ASP A 671 2.60 15.43 15.02
N GLU A 672 2.30 14.95 13.81
CA GLU A 672 1.18 15.49 13.04
C GLU A 672 -0.19 15.04 13.54
N ILE A 673 -0.27 13.81 14.05
CA ILE A 673 -1.56 13.17 14.33
C ILE A 673 -1.85 12.97 15.81
N ILE A 674 -1.06 13.57 16.68
CA ILE A 674 -1.22 13.33 18.12
C ILE A 674 -2.61 13.73 18.61
N ASP A 675 -3.20 14.74 17.98
CA ASP A 675 -4.56 15.16 18.30
C ASP A 675 -5.56 14.05 18.01
N ALA A 676 -5.41 13.43 16.84
CA ALA A 676 -6.29 12.35 16.44
C ALA A 676 -6.15 11.17 17.38
N ILE A 677 -4.91 10.90 17.78
CA ILE A 677 -4.60 9.78 18.68
C ILE A 677 -5.23 9.96 20.05
N ARG A 678 -5.13 11.16 20.60
CA ARG A 678 -5.79 11.46 21.87
C ARG A 678 -7.29 11.33 21.68
N ALA A 679 -7.76 11.69 20.49
CA ALA A 679 -9.18 11.66 20.17
C ALA A 679 -9.75 10.24 20.18
N LEU A 680 -8.92 9.26 19.86
CA LEU A 680 -9.34 7.86 19.87
C LEU A 680 -9.85 7.43 21.25
N ASP A 681 -9.27 8.01 22.29
CA ASP A 681 -9.64 7.71 23.67
C ASP A 681 -9.32 6.26 24.07
N ALA A 682 -8.29 5.69 23.45
CA ALA A 682 -7.87 4.33 23.78
C ALA A 682 -7.18 4.27 25.14
N ASP A 683 -7.58 3.32 25.97
CA ASP A 683 -6.98 3.15 27.29
C ASP A 683 -5.46 3.07 27.16
N VAL A 684 -5.00 2.31 26.17
CA VAL A 684 -3.58 2.18 25.91
C VAL A 684 -3.29 2.14 24.41
N ILE A 685 -2.37 3.00 23.97
CA ILE A 685 -1.85 2.90 22.61
C ILE A 685 -0.38 2.47 22.64
N SER A 686 -0.12 1.32 22.04
CA SER A 686 1.24 0.79 21.99
C SER A 686 1.95 1.33 20.76
N ILE A 687 3.11 1.92 20.99
CA ILE A 687 3.87 2.55 19.92
C ILE A 687 5.28 1.95 19.82
N GLU A 688 5.90 2.13 18.67
CA GLU A 688 7.24 1.60 18.42
C GLU A 688 8.30 2.66 18.68
N THR A 689 9.13 2.41 19.70
CA THR A 689 10.09 3.41 20.16
C THR A 689 11.52 2.95 20.01
N SER A 690 11.73 1.65 19.85
CA SER A 690 13.07 1.07 19.86
C SER A 690 14.01 1.74 18.84
N ARG A 691 13.51 1.98 17.64
CA ARG A 691 14.33 2.54 16.57
C ARG A 691 14.81 3.95 16.91
N SER A 692 14.06 4.66 17.75
CA SER A 692 14.38 6.03 18.12
C SER A 692 14.87 6.11 19.57
N HIS A 693 14.97 4.96 20.22
CA HIS A 693 15.41 4.89 21.61
C HIS A 693 14.44 5.61 22.54
N GLY A 694 13.16 5.60 22.18
CA GLY A 694 12.13 6.19 23.02
C GLY A 694 11.88 7.65 22.74
N ASP A 695 12.74 8.25 21.90
CA ASP A 695 12.61 9.67 21.57
C ASP A 695 11.31 9.98 20.85
N ILE A 696 10.69 8.94 20.30
CA ILE A 696 9.39 9.09 19.63
C ILE A 696 8.33 9.53 20.63
N ILE A 697 8.65 9.40 21.91
CA ILE A 697 7.76 9.83 22.99
C ILE A 697 7.59 11.35 22.95
N GLU A 698 8.49 12.01 22.21
CA GLU A 698 8.51 13.47 22.14
C GLU A 698 7.12 14.08 21.91
N SER A 699 6.45 13.66 20.86
CA SER A 699 5.14 14.19 20.52
C SER A 699 4.12 13.98 21.64
N PHE A 700 4.24 12.87 22.35
CA PHE A 700 3.36 12.59 23.50
C PHE A 700 3.70 13.51 24.68
N GLU A 701 4.98 13.85 24.82
CA GLU A 701 5.42 14.75 25.88
C GLU A 701 4.85 16.16 25.69
N THR A 702 5.08 16.74 24.51
CA THR A 702 4.62 18.08 24.22
C THR A 702 3.11 18.19 24.37
N ALA A 703 2.41 17.11 24.06
CA ALA A 703 0.95 17.08 24.11
C ALA A 703 0.45 16.67 25.49
N VAL A 704 1.38 16.44 26.41
CA VAL A 704 1.05 15.98 27.76
C VAL A 704 -0.02 14.89 27.71
N TYR A 705 0.20 13.91 26.84
CA TYR A 705 -0.71 12.78 26.67
C TYR A 705 -1.01 12.12 28.01
N PRO A 706 -2.30 12.11 28.40
CA PRO A 706 -2.76 11.60 29.69
C PRO A 706 -3.07 10.09 29.69
N LEU A 707 -3.25 9.51 28.51
CA LEU A 707 -3.69 8.13 28.39
C LEU A 707 -2.53 7.13 28.47
N GLY A 708 -2.86 5.85 28.46
CA GLY A 708 -1.86 4.79 28.55
C GLY A 708 -1.04 4.67 27.28
N ILE A 709 0.23 4.31 27.43
CA ILE A 709 1.13 4.13 26.29
C ILE A 709 1.97 2.87 26.44
N GLY A 710 2.00 2.04 25.39
CA GLY A 710 2.83 0.85 25.37
C GLY A 710 4.11 1.09 24.61
N LEU A 711 5.25 0.86 25.27
CA LEU A 711 6.55 1.20 24.70
C LEU A 711 7.24 0.02 24.03
N GLY A 712 7.27 0.04 22.69
CA GLY A 712 8.00 -0.96 21.93
C GLY A 712 9.49 -0.77 22.09
N VAL A 713 10.14 -1.70 22.79
CA VAL A 713 11.52 -1.50 23.20
C VAL A 713 12.50 -2.45 22.53
N TYR A 714 12.05 -3.12 21.47
CA TYR A 714 12.90 -4.04 20.73
C TYR A 714 12.48 -4.12 19.26
N ASP A 715 13.45 -3.90 18.37
CA ASP A 715 13.20 -4.01 16.93
C ASP A 715 12.87 -5.44 16.55
N ILE A 716 11.61 -5.69 16.19
CA ILE A 716 11.16 -7.04 15.86
C ILE A 716 11.53 -7.43 14.43
N HIS A 717 11.96 -6.46 13.63
CA HIS A 717 12.34 -6.73 12.25
C HIS A 717 13.80 -7.15 12.13
N SER A 718 14.49 -7.23 13.27
CA SER A 718 15.87 -7.68 13.29
C SER A 718 16.00 -8.95 14.13
N PRO A 719 16.72 -9.95 13.61
CA PRO A 719 16.93 -11.23 14.29
C PRO A 719 17.80 -11.09 15.53
N ARG A 720 18.38 -9.91 15.73
CA ARG A 720 19.29 -9.67 16.85
C ARG A 720 18.55 -9.63 18.18
N VAL A 721 19.20 -10.14 19.22
CA VAL A 721 18.65 -10.07 20.57
C VAL A 721 19.22 -8.87 21.30
N PRO A 722 18.36 -7.89 21.63
CA PRO A 722 18.78 -6.66 22.30
C PRO A 722 19.55 -6.95 23.59
N THR A 723 20.33 -5.98 24.04
CA THR A 723 21.03 -6.10 25.32
C THR A 723 20.10 -5.67 26.45
N LYS A 724 20.34 -6.19 27.65
CA LYS A 724 19.53 -5.81 28.81
C LYS A 724 19.65 -4.33 29.11
N GLU A 725 20.84 -3.77 28.89
CA GLU A 725 21.08 -2.35 29.12
C GLU A 725 20.48 -1.51 27.99
N GLU A 726 20.53 -2.04 26.78
CA GLU A 726 19.95 -1.37 25.63
C GLU A 726 18.44 -1.20 25.82
N VAL A 727 17.81 -2.15 26.49
CA VAL A 727 16.37 -2.11 26.70
C VAL A 727 15.97 -1.16 27.83
N VAL A 728 16.63 -1.28 28.97
CA VAL A 728 16.31 -0.43 30.12
C VAL A 728 16.42 1.05 29.74
N ALA A 729 17.43 1.39 28.95
CA ALA A 729 17.62 2.77 28.52
C ALA A 729 16.49 3.19 27.60
N ASN A 730 15.93 2.23 26.88
CA ASN A 730 14.82 2.50 25.98
C ASN A 730 13.52 2.72 26.74
N ILE A 731 13.41 2.09 27.91
CA ILE A 731 12.22 2.23 28.75
C ILE A 731 12.26 3.53 29.55
N GLU A 732 13.44 3.90 30.02
CA GLU A 732 13.60 5.04 30.91
C GLU A 732 13.48 6.40 30.22
N ARG A 733 13.88 6.45 28.94
CA ARG A 733 13.78 7.70 28.19
C ARG A 733 12.39 8.33 28.25
N PRO A 734 11.34 7.53 27.94
CA PRO A 734 9.96 8.03 28.02
C PRO A 734 9.52 8.32 29.45
N LEU A 735 10.36 7.99 30.42
CA LEU A 735 10.05 8.26 31.82
C LEU A 735 10.61 9.62 32.23
N ARG A 736 11.09 10.39 31.25
CA ARG A 736 11.69 11.69 31.51
C ARG A 736 10.71 12.69 32.13
N GLN A 737 9.50 12.75 31.60
CA GLN A 737 8.49 13.68 32.09
C GLN A 737 7.18 13.00 32.46
N LEU A 738 6.65 12.21 31.52
CA LEU A 738 5.39 11.50 31.75
C LEU A 738 5.52 10.49 32.89
N SER A 739 4.44 10.33 33.66
CA SER A 739 4.47 9.44 34.82
C SER A 739 4.62 7.97 34.40
N PRO A 740 5.40 7.22 35.17
CA PRO A 740 5.62 5.78 34.95
C PRO A 740 4.31 4.98 34.96
N THR A 741 3.30 5.50 35.64
CA THR A 741 2.03 4.79 35.80
C THR A 741 1.23 4.71 34.50
N GLN A 742 1.74 5.33 33.44
CA GLN A 742 1.06 5.36 32.17
C GLN A 742 1.60 4.33 31.19
N PHE A 743 2.77 3.78 31.50
CA PHE A 743 3.48 2.98 30.51
C PHE A 743 3.35 1.47 30.67
N TRP A 744 3.35 0.79 29.53
CA TRP A 744 3.47 -0.66 29.44
C TRP A 744 4.80 -0.95 28.76
N VAL A 745 5.29 -2.18 28.92
CA VAL A 745 6.52 -2.59 28.25
C VAL A 745 6.22 -3.74 27.28
N ASN A 746 6.65 -3.59 26.04
CA ASN A 746 6.39 -4.59 25.01
C ASN A 746 7.34 -4.45 23.83
N PRO A 747 7.41 -5.49 22.97
CA PRO A 747 8.26 -5.39 21.77
C PRO A 747 7.68 -4.37 20.80
N ASP A 748 8.46 -3.97 19.79
CA ASP A 748 7.98 -2.99 18.82
C ASP A 748 6.69 -3.42 18.15
N CYS A 749 6.63 -4.68 17.71
CA CYS A 749 5.47 -5.17 16.98
C CYS A 749 5.30 -6.68 17.14
N GLY A 750 4.40 -7.26 16.34
CA GLY A 750 4.20 -8.70 16.36
C GLY A 750 5.49 -9.46 16.11
N LEU A 751 5.50 -10.74 16.50
CA LEU A 751 6.70 -11.56 16.42
C LEU A 751 6.59 -12.66 15.36
N LYS A 752 5.59 -12.54 14.50
CA LYS A 752 5.33 -13.56 13.48
C LYS A 752 6.47 -13.69 12.48
N THR A 753 7.19 -12.60 12.25
CA THR A 753 8.29 -12.58 11.29
C THR A 753 9.57 -13.21 11.85
N ARG A 754 9.69 -13.20 13.17
CA ARG A 754 10.91 -13.66 13.83
C ARG A 754 10.94 -15.17 14.07
N GLN A 755 12.13 -15.69 14.37
CA GLN A 755 12.28 -17.10 14.74
C GLN A 755 12.03 -17.27 16.24
N GLU A 756 11.78 -18.51 16.66
CA GLU A 756 11.43 -18.79 18.04
C GLU A 756 12.55 -18.59 19.06
N PRO A 757 13.76 -19.11 18.78
CA PRO A 757 14.86 -18.99 19.75
C PRO A 757 15.17 -17.54 20.10
N GLU A 758 15.49 -16.74 19.08
CA GLU A 758 15.77 -15.33 19.29
C GLU A 758 14.61 -14.62 19.98
N THR A 759 13.39 -15.06 19.69
CA THR A 759 12.20 -14.49 20.29
C THR A 759 12.15 -14.74 21.79
N ILE A 760 12.33 -16.00 22.19
CA ILE A 760 12.32 -16.36 23.60
C ILE A 760 13.39 -15.58 24.37
N ALA A 761 14.60 -15.55 23.82
CA ALA A 761 15.70 -14.83 24.43
C ALA A 761 15.40 -13.35 24.49
N ALA A 762 14.89 -12.81 23.39
CA ALA A 762 14.56 -11.39 23.30
C ALA A 762 13.52 -10.99 24.33
N LEU A 763 12.56 -11.87 24.59
CA LEU A 763 11.50 -11.59 25.55
C LEU A 763 11.99 -11.70 27.00
N LYS A 764 12.91 -12.62 27.25
CA LYS A 764 13.46 -12.79 28.59
C LYS A 764 14.31 -11.60 28.98
N LEU A 766 14.80 -7.86 28.95
CA LEU A 766 13.53 -7.58 28.30
C LEU A 766 12.40 -7.48 29.32
N VAL A 767 12.01 -8.62 29.87
CA VAL A 767 11.14 -8.65 31.05
C VAL A 767 12.03 -8.32 32.24
N ALA A 768 13.27 -8.80 32.18
CA ALA A 768 14.27 -8.51 33.20
C ALA A 768 14.63 -7.03 33.18
N ALA A 769 14.80 -6.47 31.99
CA ALA A 769 15.07 -5.04 31.83
C ALA A 769 13.93 -4.23 32.45
N THR A 770 12.70 -4.71 32.25
CA THR A 770 11.53 -4.06 32.83
C THR A 770 11.55 -4.19 34.34
N LYS A 771 11.83 -5.39 34.83
CA LYS A 771 11.91 -5.65 36.26
C LYS A 771 13.01 -4.82 36.93
N GLU A 772 14.06 -4.51 36.17
CA GLU A 772 15.17 -3.70 36.68
C GLU A 772 14.73 -2.28 36.98
N VAL A 773 14.12 -1.62 35.98
CA VAL A 773 13.65 -0.26 36.17
C VAL A 773 12.59 -0.20 37.27
N ARG A 774 11.82 -1.27 37.41
CA ARG A 774 10.83 -1.35 38.48
C ARG A 774 11.53 -1.40 39.84
N GLN A 775 12.64 -2.11 39.89
CA GLN A 775 13.41 -2.24 41.13
C GLN A 775 13.83 -0.88 41.66
N LYS A 776 14.54 -0.12 40.84
CA LYS A 776 14.95 1.22 41.23
C LYS A 776 13.78 2.19 41.29
N LEU A 777 12.58 1.63 41.41
CA LEU A 777 11.37 2.40 41.68
C LEU A 777 11.29 3.69 40.89
S SO4 B . -1.11 -19.69 -9.23
O1 SO4 B . -1.08 -20.32 -10.55
O2 SO4 B . -0.89 -18.26 -9.37
O3 SO4 B . -2.41 -19.92 -8.61
O4 SO4 B . -0.07 -20.27 -8.38
S SO4 C . 4.92 -13.92 -1.64
O1 SO4 C . 3.92 -14.97 -1.79
O2 SO4 C . 4.77 -12.96 -2.74
O3 SO4 C . 4.74 -13.23 -0.36
O4 SO4 C . 6.27 -14.50 -1.66
S SO4 D . 22.68 -7.70 -18.57
O1 SO4 D . 21.80 -8.34 -19.54
O2 SO4 D . 23.55 -6.75 -19.27
O3 SO4 D . 21.87 -6.96 -17.60
O4 SO4 D . 23.51 -8.69 -17.89
ZN ZN E . 3.33 -2.45 14.52
#